data_5WTN
#
_entry.id   5WTN
#
_cell.length_a   111.356
_cell.length_b   118.980
_cell.length_c   157.917
_cell.angle_alpha   90.00
_cell.angle_beta   90.00
_cell.angle_gamma   90.00
#
_symmetry.space_group_name_H-M   'P 21 21 21'
#
loop_
_entity.id
_entity.type
_entity.pdbx_description
1 polymer 'Replication initiation and membrane attachment protein'
2 water water
#
_entity_poly.entity_id   1
_entity_poly.type   'polypeptide(L)'
_entity_poly.pdbx_seq_one_letter_code
;MQHHWKELIAVDRYTVQSRGVLQEVDRKVLTLLYQPLIGCRALALYMTLWGELELLDGQEATHHRLMALMQCGLPDIYSE
RLKLEGIGLLDTYVHAKEADEPKLFLYELRPPLAPDQFFRDEMLSVFLRRQVGRHLFIQLSNFFARPSIDETKFTQVTRS
FSDVFSAVPAEQIVAGLSEEAGPELLEGKDHIRRDEASYVLDDGVFDFELFFAGLSKQLVPRRAVTAKVKEAIKKLAFLY
GIPPLEMQKLVLGVIDPAYHIDIDALRRAAREWYELEHGGVEPRLVERVQPLAYRTMENI
;
_entity_poly.pdbx_strand_id   A,B,C,D
#
# COMPACT_ATOMS: atom_id res chain seq x y z
N HIS A 3 -35.55 11.28 -3.63
CA HIS A 3 -35.94 12.23 -2.58
C HIS A 3 -35.30 11.91 -1.21
N HIS A 4 -34.08 12.40 -1.02
CA HIS A 4 -33.23 12.01 0.11
C HIS A 4 -33.69 12.51 1.47
N TRP A 5 -34.41 13.62 1.51
CA TRP A 5 -34.84 14.20 2.78
C TRP A 5 -35.83 13.29 3.51
N LYS A 6 -36.50 12.46 2.73
CA LYS A 6 -37.44 11.46 3.23
C LYS A 6 -36.72 10.47 4.16
N GLU A 7 -35.41 10.36 4.00
CA GLU A 7 -34.61 9.45 4.81
C GLU A 7 -33.42 10.12 5.50
N LEU A 8 -32.63 10.90 4.75
CA LEU A 8 -31.41 11.48 5.28
C LEU A 8 -31.46 13.01 5.34
N ILE A 9 -31.17 13.57 6.53
CA ILE A 9 -31.02 15.02 6.67
C ILE A 9 -29.65 15.36 7.26
N ALA A 10 -29.21 16.60 7.10
CA ALA A 10 -27.84 16.99 7.45
C ALA A 10 -27.43 16.72 8.89
N VAL A 11 -28.40 16.73 9.82
CA VAL A 11 -28.04 16.59 11.23
C VAL A 11 -28.06 15.15 11.66
N ASP A 12 -28.40 14.25 10.73
CA ASP A 12 -28.34 12.82 11.04
C ASP A 12 -26.88 12.43 11.27
N ARG A 13 -26.66 11.42 12.11
CA ARG A 13 -25.30 11.03 12.46
C ARG A 13 -24.86 9.69 11.86
N TYR A 14 -23.57 9.58 11.56
CA TYR A 14 -23.03 8.32 11.06
C TYR A 14 -21.78 7.86 11.79
N THR A 15 -21.45 6.60 11.57
CA THR A 15 -20.14 6.07 11.87
C THR A 15 -19.72 5.25 10.67
N VAL A 16 -18.41 5.15 10.42
CA VAL A 16 -17.88 4.28 9.37
C VAL A 16 -17.16 3.09 9.98
N GLN A 17 -17.51 1.89 9.53
CA GLN A 17 -16.85 0.68 10.03
C GLN A 17 -16.50 -0.34 8.94
N SER A 18 -15.57 -1.24 9.25
CA SER A 18 -15.30 -2.34 8.32
C SER A 18 -14.72 -3.52 9.05
N ARG A 19 -15.06 -4.73 8.60
CA ARG A 19 -14.29 -5.89 9.06
C ARG A 19 -13.22 -6.28 8.03
N GLY A 20 -13.18 -5.54 6.94
CA GLY A 20 -12.13 -5.72 5.94
C GLY A 20 -11.08 -4.62 6.01
N VAL A 21 -9.97 -4.82 5.34
CA VAL A 21 -9.04 -3.72 5.08
C VAL A 21 -8.96 -3.50 3.58
N LEU A 22 -9.04 -2.24 3.19
CA LEU A 22 -9.13 -1.90 1.80
C LEU A 22 -7.68 -1.68 1.36
N GLN A 23 -7.19 -2.42 0.36
CA GLN A 23 -5.79 -2.25 -0.05
C GLN A 23 -5.58 -1.76 -1.48
N GLU A 24 -4.34 -1.41 -1.79
CA GLU A 24 -3.98 -0.89 -3.10
C GLU A 24 -4.74 -1.58 -4.22
N VAL A 25 -4.62 -2.90 -4.32
CA VAL A 25 -5.29 -3.64 -5.39
C VAL A 25 -6.76 -3.25 -5.53
N ASP A 26 -7.49 -3.27 -4.41
CA ASP A 26 -8.87 -2.80 -4.38
C ASP A 26 -9.01 -1.43 -5.03
N ARG A 27 -8.04 -0.55 -4.81
CA ARG A 27 -8.15 0.80 -5.32
C ARG A 27 -8.14 0.85 -6.84
N LYS A 28 -7.45 -0.11 -7.46
CA LYS A 28 -7.38 -0.17 -8.90
C LYS A 28 -8.66 -0.78 -9.46
N VAL A 29 -9.14 -1.83 -8.79
CA VAL A 29 -10.39 -2.47 -9.16
C VAL A 29 -11.51 -1.46 -9.08
N LEU A 30 -11.46 -0.62 -8.05
CA LEU A 30 -12.42 0.46 -7.91
C LEU A 30 -12.33 1.46 -9.04
N THR A 31 -11.12 1.84 -9.39
CA THR A 31 -10.96 2.86 -10.38
C THR A 31 -11.21 2.34 -11.78
N LEU A 32 -10.78 1.11 -12.06
CA LEU A 32 -10.87 0.58 -13.42
C LEU A 32 -12.04 -0.33 -13.75
N LEU A 33 -12.73 -0.84 -12.76
CA LEU A 33 -13.71 -1.90 -13.00
C LEU A 33 -15.09 -1.46 -12.55
N TYR A 34 -15.15 -1.07 -11.29
CA TYR A 34 -16.35 -0.48 -10.74
C TYR A 34 -16.70 0.90 -11.25
N GLN A 35 -15.71 1.75 -11.48
CA GLN A 35 -16.02 3.14 -11.84
C GLN A 35 -16.80 3.29 -13.11
N PRO A 36 -16.44 2.57 -14.17
CA PRO A 36 -17.31 2.69 -15.36
C PRO A 36 -18.78 2.34 -15.10
N LEU A 37 -19.04 1.44 -14.16
CA LEU A 37 -20.41 1.09 -13.87
C LEU A 37 -21.11 2.12 -12.97
N ILE A 38 -20.48 2.54 -11.87
CA ILE A 38 -21.16 3.39 -10.89
C ILE A 38 -20.93 4.90 -11.04
N GLY A 39 -19.92 5.24 -11.84
CA GLY A 39 -19.59 6.61 -12.13
C GLY A 39 -18.58 7.19 -11.16
N CYS A 40 -17.95 8.30 -11.56
CA CYS A 40 -16.89 8.94 -10.79
C CYS A 40 -17.28 9.49 -9.41
N ARG A 41 -18.51 9.99 -9.27
CA ARG A 41 -18.85 10.62 -8.00
C ARG A 41 -18.96 9.56 -6.93
N ALA A 42 -19.57 8.43 -7.27
CA ALA A 42 -19.67 7.34 -6.32
C ALA A 42 -18.29 6.86 -5.87
N LEU A 43 -17.33 6.87 -6.80
CA LEU A 43 -15.97 6.49 -6.45
C LEU A 43 -15.41 7.38 -5.36
N ALA A 44 -15.63 8.70 -5.48
CA ALA A 44 -15.09 9.60 -4.48
C ALA A 44 -15.74 9.40 -3.12
N LEU A 45 -17.05 9.18 -3.08
CA LEU A 45 -17.70 8.91 -1.82
C LEU A 45 -17.09 7.68 -1.14
N TYR A 46 -16.72 6.68 -1.95
CA TYR A 46 -16.20 5.45 -1.39
C TYR A 46 -14.81 5.73 -0.83
N MET A 47 -14.03 6.53 -1.57
CA MET A 47 -12.72 6.95 -1.12
C MET A 47 -12.84 7.74 0.18
N THR A 48 -13.75 8.71 0.20
CA THR A 48 -14.00 9.49 1.39
C THR A 48 -14.43 8.60 2.58
N LEU A 49 -15.32 7.63 2.35
CA LEU A 49 -15.70 6.73 3.43
C LEU A 49 -14.53 5.91 4.01
N TRP A 50 -13.69 5.41 3.12
CA TRP A 50 -12.46 4.69 3.46
C TRP A 50 -11.52 5.58 4.26
N GLY A 51 -11.33 6.82 3.82
CA GLY A 51 -10.55 7.78 4.57
C GLY A 51 -11.17 8.06 5.91
N GLU A 52 -12.51 8.18 5.93
CA GLU A 52 -13.20 8.47 7.19
C GLU A 52 -13.05 7.38 8.21
N LEU A 53 -12.97 6.15 7.72
CA LEU A 53 -12.75 4.95 8.55
C LEU A 53 -11.55 5.14 9.48
N GLU A 54 -10.47 5.69 8.94
CA GLU A 54 -9.26 5.92 9.72
C GLU A 54 -9.32 7.20 10.53
N LEU A 55 -9.84 8.27 9.94
CA LEU A 55 -9.89 9.57 10.59
C LEU A 55 -10.84 9.65 11.79
N LEU A 56 -12.13 9.39 11.58
CA LEU A 56 -13.03 9.18 12.71
C LEU A 56 -12.56 7.88 13.26
N ASP A 57 -12.21 7.77 14.53
CA ASP A 57 -11.81 6.43 14.90
C ASP A 57 -12.93 5.88 15.74
N GLY A 58 -13.79 5.08 15.12
CA GLY A 58 -15.01 4.61 15.77
C GLY A 58 -16.01 5.67 16.19
N GLN A 59 -15.74 6.94 15.87
CA GLN A 59 -16.53 8.04 16.43
C GLN A 59 -17.68 8.56 15.54
N GLU A 60 -18.52 9.40 16.13
CA GLU A 60 -19.68 9.93 15.44
C GLU A 60 -19.38 11.25 14.74
N ALA A 61 -20.15 11.53 13.70
CA ALA A 61 -20.04 12.75 12.93
C ALA A 61 -21.42 13.04 12.35
N THR A 62 -21.65 14.26 11.91
CA THR A 62 -22.93 14.61 11.29
C THR A 62 -22.64 14.71 9.82
N HIS A 63 -23.62 14.46 8.99
CA HIS A 63 -23.35 14.48 7.56
C HIS A 63 -22.81 15.81 7.04
N HIS A 64 -22.87 16.85 7.87
CA HIS A 64 -22.21 18.11 7.55
C HIS A 64 -20.75 17.86 7.25
N ARG A 65 -20.13 17.03 8.09
CA ARG A 65 -18.72 16.69 7.91
C ARG A 65 -18.40 16.10 6.52
N LEU A 66 -19.21 15.14 6.08
CA LEU A 66 -19.05 14.58 4.74
C LEU A 66 -19.21 15.64 3.64
N MET A 67 -20.14 16.56 3.85
CA MET A 67 -20.41 17.61 2.89
C MET A 67 -19.20 18.52 2.77
N ALA A 68 -18.58 18.76 3.93
CA ALA A 68 -17.40 19.61 4.02
C ALA A 68 -16.18 18.92 3.40
N LEU A 69 -15.96 17.65 3.75
CA LEU A 69 -14.85 16.89 3.17
C LEU A 69 -14.91 16.83 1.64
N MET A 70 -16.07 16.52 1.08
CA MET A 70 -16.20 16.32 -0.35
C MET A 70 -16.55 17.58 -1.09
N GLN A 71 -16.96 18.61 -0.36
CA GLN A 71 -17.48 19.81 -1.01
C GLN A 71 -18.66 19.47 -1.95
N CYS A 72 -19.66 18.74 -1.42
CA CYS A 72 -20.94 18.54 -2.11
C CYS A 72 -22.15 18.59 -1.17
N GLY A 73 -23.34 18.54 -1.74
CA GLY A 73 -24.55 18.51 -0.94
C GLY A 73 -25.03 17.12 -0.63
N LEU A 74 -26.00 17.00 0.30
CA LEU A 74 -26.65 15.74 0.64
C LEU A 74 -27.30 14.97 -0.52
N PRO A 75 -28.08 15.65 -1.39
CA PRO A 75 -28.76 14.91 -2.45
C PRO A 75 -27.81 14.06 -3.26
N ASP A 76 -26.69 14.66 -3.64
CA ASP A 76 -25.67 13.93 -4.36
C ASP A 76 -25.06 12.82 -3.50
N ILE A 77 -24.56 13.17 -2.32
CA ILE A 77 -24.03 12.14 -1.43
C ILE A 77 -25.02 10.99 -1.32
N TYR A 78 -26.30 11.29 -1.21
CA TYR A 78 -27.31 10.25 -0.95
C TYR A 78 -27.47 9.39 -2.18
N SER A 79 -27.49 10.03 -3.32
CA SER A 79 -27.75 9.31 -4.54
C SER A 79 -26.65 8.30 -4.72
N GLU A 80 -25.41 8.77 -4.55
CA GLU A 80 -24.25 7.93 -4.74
C GLU A 80 -24.14 6.86 -3.64
N ARG A 81 -24.46 7.22 -2.40
CA ARG A 81 -24.49 6.24 -1.33
C ARG A 81 -25.30 4.99 -1.72
N LEU A 82 -26.36 5.19 -2.46
CA LEU A 82 -27.25 4.11 -2.82
C LEU A 82 -26.67 3.24 -3.95
N LYS A 83 -25.91 3.87 -4.85
CA LYS A 83 -25.21 3.13 -5.87
C LYS A 83 -24.19 2.20 -5.22
N LEU A 84 -23.47 2.72 -4.23
CA LEU A 84 -22.52 1.90 -3.51
C LEU A 84 -23.23 0.75 -2.82
N GLU A 85 -24.43 0.99 -2.31
CA GLU A 85 -25.19 -0.06 -1.62
C GLU A 85 -25.60 -1.20 -2.56
N GLY A 86 -26.26 -0.86 -3.66
CA GLY A 86 -26.77 -1.83 -4.59
C GLY A 86 -25.68 -2.65 -5.21
N ILE A 87 -24.52 -2.04 -5.45
CA ILE A 87 -23.44 -2.76 -6.10
C ILE A 87 -22.57 -3.57 -5.13
N GLY A 88 -22.92 -3.55 -3.86
CA GLY A 88 -22.26 -4.40 -2.89
C GLY A 88 -21.18 -3.74 -2.07
N LEU A 89 -20.74 -2.56 -2.53
CA LEU A 89 -19.67 -1.79 -1.89
C LEU A 89 -19.95 -1.22 -0.47
N LEU A 90 -21.21 -1.10 -0.08
CA LEU A 90 -21.50 -0.55 1.23
C LEU A 90 -22.75 -1.14 1.87
N ASP A 91 -22.65 -1.52 3.14
CA ASP A 91 -23.84 -1.91 3.89
C ASP A 91 -24.20 -0.80 4.84
N THR A 92 -25.49 -0.50 4.89
CA THR A 92 -25.98 0.60 5.71
C THR A 92 -26.92 0.10 6.78
N TYR A 93 -26.65 0.47 8.02
CA TYR A 93 -27.52 0.13 9.13
C TYR A 93 -28.05 1.40 9.77
N VAL A 94 -29.23 1.30 10.37
CA VAL A 94 -29.79 2.44 11.11
C VAL A 94 -30.04 2.07 12.57
N HIS A 95 -29.76 3.00 13.46
CA HIS A 95 -29.98 2.76 14.87
C HIS A 95 -31.45 2.93 15.20
N ALA A 96 -31.96 2.02 16.03
CA ALA A 96 -33.38 2.00 16.43
C ALA A 96 -33.75 3.36 16.99
N LYS A 97 -34.78 3.98 16.42
CA LYS A 97 -34.97 5.41 16.63
C LYS A 97 -35.54 5.74 18.00
N GLU A 98 -34.76 6.48 18.78
CA GLU A 98 -35.21 7.04 20.06
C GLU A 98 -34.63 8.46 20.24
N ALA A 99 -35.50 9.45 20.47
CA ALA A 99 -36.94 9.24 20.44
C ALA A 99 -37.43 9.37 19.00
N ASP A 100 -37.49 10.61 18.52
CA ASP A 100 -37.63 10.90 17.09
C ASP A 100 -36.70 12.07 16.70
N GLU A 101 -35.75 11.76 15.82
CA GLU A 101 -34.59 12.61 15.48
C GLU A 101 -33.50 12.62 16.57
N PRO A 102 -32.24 12.87 16.14
CA PRO A 102 -31.73 12.60 14.79
C PRO A 102 -31.25 11.14 14.63
N LYS A 103 -31.35 10.62 13.42
CA LYS A 103 -30.96 9.24 13.12
C LYS A 103 -29.46 8.97 13.29
N LEU A 104 -29.13 7.71 13.61
CA LEU A 104 -27.74 7.28 13.65
C LEU A 104 -27.45 6.17 12.63
N PHE A 105 -26.65 6.47 11.61
CA PHE A 105 -26.30 5.48 10.57
C PHE A 105 -24.98 4.76 10.85
N LEU A 106 -24.94 3.48 10.51
CA LEU A 106 -23.68 2.75 10.49
C LEU A 106 -23.32 2.48 9.04
N TYR A 107 -22.22 3.04 8.58
CA TYR A 107 -21.76 2.81 7.22
C TYR A 107 -20.68 1.76 7.25
N GLU A 108 -21.01 0.56 6.80
CA GLU A 108 -20.08 -0.56 6.86
C GLU A 108 -19.43 -0.78 5.50
N LEU A 109 -18.15 -0.44 5.39
CA LEU A 109 -17.49 -0.52 4.10
C LEU A 109 -17.14 -1.93 3.69
N ARG A 110 -17.38 -2.26 2.44
CA ARG A 110 -17.02 -3.56 1.93
C ARG A 110 -15.97 -3.43 0.84
N PRO A 111 -15.02 -4.36 0.81
CA PRO A 111 -13.97 -4.34 -0.24
C PRO A 111 -14.54 -4.79 -1.57
N PRO A 112 -13.94 -4.36 -2.68
CA PRO A 112 -14.50 -4.82 -3.94
C PRO A 112 -14.29 -6.31 -4.16
N LEU A 113 -14.86 -6.83 -5.23
CA LEU A 113 -14.60 -8.21 -5.58
C LEU A 113 -13.14 -8.35 -6.03
N ALA A 114 -12.62 -9.56 -5.96
CA ALA A 114 -11.30 -9.82 -6.53
C ALA A 114 -11.53 -9.84 -8.03
N PRO A 115 -10.55 -9.37 -8.78
CA PRO A 115 -10.74 -9.33 -10.24
C PRO A 115 -11.28 -10.65 -10.85
N ASP A 116 -10.86 -11.82 -10.37
CA ASP A 116 -11.42 -13.05 -10.91
C ASP A 116 -12.93 -13.16 -10.65
N GLN A 117 -13.37 -12.81 -9.43
CA GLN A 117 -14.77 -12.86 -9.10
C GLN A 117 -15.54 -11.87 -9.96
N PHE A 118 -14.92 -10.73 -10.22
CA PHE A 118 -15.58 -9.68 -10.95
C PHE A 118 -15.83 -10.10 -12.38
N PHE A 119 -14.81 -10.64 -13.03
CA PHE A 119 -14.94 -11.05 -14.42
C PHE A 119 -15.81 -12.30 -14.53
N ARG A 120 -15.78 -13.13 -13.50
CA ARG A 120 -16.56 -14.37 -13.49
C ARG A 120 -18.03 -14.14 -13.13
N ASP A 121 -18.40 -12.90 -12.86
CA ASP A 121 -19.77 -12.58 -12.51
C ASP A 121 -20.64 -12.44 -13.76
N GLU A 122 -21.80 -13.09 -13.72
CA GLU A 122 -22.73 -13.05 -14.84
C GLU A 122 -23.06 -11.64 -15.30
N MET A 123 -23.46 -10.78 -14.38
CA MET A 123 -23.90 -9.43 -14.73
C MET A 123 -22.80 -8.38 -14.94
N LEU A 124 -21.83 -8.32 -14.03
CA LEU A 124 -20.87 -7.22 -14.00
C LEU A 124 -19.99 -7.18 -15.22
N SER A 125 -19.51 -8.34 -15.66
CA SER A 125 -18.70 -8.44 -16.86
C SER A 125 -19.44 -7.93 -18.09
N VAL A 126 -20.68 -8.38 -18.33
CA VAL A 126 -21.32 -7.91 -19.56
C VAL A 126 -21.66 -6.40 -19.50
N PHE A 127 -22.15 -5.92 -18.37
CA PHE A 127 -22.25 -4.47 -18.19
C PHE A 127 -20.95 -3.74 -18.48
N LEU A 128 -19.85 -4.19 -17.92
CA LEU A 128 -18.59 -3.49 -18.11
C LEU A 128 -18.16 -3.44 -19.58
N ARG A 129 -18.31 -4.55 -20.31
CA ARG A 129 -17.98 -4.61 -21.74
C ARG A 129 -18.70 -3.51 -22.51
N ARG A 130 -20.01 -3.41 -22.30
CA ARG A 130 -20.86 -2.44 -23.00
C ARG A 130 -20.44 -1.02 -22.71
N GLN A 131 -20.13 -0.74 -21.45
CA GLN A 131 -19.88 0.64 -21.01
C GLN A 131 -18.47 1.13 -21.29
N VAL A 132 -17.56 0.19 -21.55
CA VAL A 132 -16.16 0.51 -21.77
C VAL A 132 -15.68 0.18 -23.19
N GLY A 133 -16.46 -0.61 -23.90
CA GLY A 133 -16.06 -1.07 -25.22
C GLY A 133 -15.13 -2.28 -25.26
N ARG A 134 -15.19 -3.03 -26.35
CA ARG A 134 -14.49 -4.32 -26.46
C ARG A 134 -12.97 -4.25 -26.31
N HIS A 135 -12.34 -3.31 -26.98
CA HIS A 135 -10.90 -3.12 -26.88
C HIS A 135 -10.44 -2.87 -25.43
N LEU A 136 -11.05 -1.87 -24.79
CA LEU A 136 -10.66 -1.49 -23.45
C LEU A 136 -10.95 -2.62 -22.45
N PHE A 137 -12.02 -3.36 -22.71
CA PHE A 137 -12.39 -4.48 -21.87
C PHE A 137 -11.29 -5.51 -21.82
N ILE A 138 -10.67 -5.81 -22.96
CA ILE A 138 -9.62 -6.81 -23.02
C ILE A 138 -8.36 -6.34 -22.30
N GLN A 139 -8.08 -5.05 -22.40
CA GLN A 139 -6.91 -4.47 -21.74
C GLN A 139 -7.08 -4.58 -20.23
N LEU A 140 -8.30 -4.37 -19.76
CA LEU A 140 -8.63 -4.48 -18.35
C LEU A 140 -8.46 -5.93 -17.90
N SER A 141 -9.06 -6.85 -18.64
CA SER A 141 -8.92 -8.27 -18.34
C SER A 141 -7.46 -8.68 -18.24
N ASN A 142 -6.66 -8.28 -19.24
CA ASN A 142 -5.24 -8.65 -19.25
C ASN A 142 -4.49 -8.06 -18.08
N PHE A 143 -4.72 -6.76 -17.84
CA PHE A 143 -4.09 -6.05 -16.74
C PHE A 143 -4.31 -6.76 -15.41
N PHE A 144 -5.48 -7.36 -15.25
CA PHE A 144 -5.81 -8.08 -14.02
C PHE A 144 -5.51 -9.59 -14.09
N ALA A 145 -4.81 -10.00 -15.15
CA ALA A 145 -4.50 -11.41 -15.32
C ALA A 145 -3.01 -11.68 -15.19
N ARG A 146 -2.67 -12.94 -14.89
CA ARG A 146 -1.29 -13.39 -14.82
C ARG A 146 -1.17 -14.74 -15.54
N PRO A 147 -0.07 -14.94 -16.26
CA PRO A 147 0.12 -16.17 -17.05
C PRO A 147 -0.05 -17.44 -16.20
N SER A 148 -0.74 -18.44 -16.76
CA SER A 148 -1.11 -19.63 -15.98
C SER A 148 0.12 -20.49 -15.69
N ILE A 149 -0.10 -21.60 -15.00
CA ILE A 149 0.96 -22.57 -14.73
C ILE A 149 0.74 -23.81 -15.57
N ASP A 150 1.75 -24.20 -16.34
CA ASP A 150 1.60 -25.36 -17.23
C ASP A 150 1.94 -26.62 -16.46
N GLU A 151 0.92 -27.43 -16.21
CA GLU A 151 1.02 -28.58 -15.34
C GLU A 151 1.69 -29.70 -16.08
N THR A 152 1.49 -29.71 -17.40
CA THR A 152 2.03 -30.75 -18.26
C THR A 152 3.54 -30.88 -18.05
N LYS A 153 4.23 -29.73 -18.07
CA LYS A 153 5.68 -29.71 -17.96
C LYS A 153 6.20 -29.46 -16.54
N PHE A 154 5.30 -29.18 -15.60
CA PHE A 154 5.72 -28.87 -14.21
C PHE A 154 5.09 -29.76 -13.16
N THR A 155 5.90 -30.13 -12.17
CA THR A 155 5.49 -31.09 -11.15
C THR A 155 5.72 -30.55 -9.73
N GLN A 156 4.78 -30.82 -8.82
CA GLN A 156 4.79 -30.20 -7.49
C GLN A 156 5.63 -31.02 -6.50
N VAL A 157 6.73 -30.39 -6.08
CA VAL A 157 7.65 -30.94 -5.09
C VAL A 157 7.49 -30.31 -3.68
N THR A 158 6.47 -29.48 -3.51
CA THR A 158 6.28 -28.76 -2.24
C THR A 158 6.24 -29.66 -1.01
N ARG A 159 6.98 -29.29 0.05
CA ARG A 159 6.86 -30.02 1.33
C ARG A 159 5.57 -29.67 2.09
N SER A 160 5.09 -30.64 2.86
CA SER A 160 3.92 -30.45 3.73
C SER A 160 4.36 -29.96 5.09
N PHE A 161 3.40 -29.70 5.97
CA PHE A 161 3.71 -29.20 7.31
C PHE A 161 4.43 -30.28 8.08
N SER A 162 3.92 -31.51 7.96
CA SER A 162 4.43 -32.65 8.70
C SER A 162 5.83 -33.05 8.25
N ASP A 163 6.15 -32.78 6.98
CA ASP A 163 7.48 -32.99 6.42
C ASP A 163 8.54 -32.13 7.11
N VAL A 164 8.21 -30.86 7.34
CA VAL A 164 9.15 -29.85 7.86
C VAL A 164 9.10 -29.58 9.36
N PHE A 165 8.06 -30.06 10.03
CA PHE A 165 7.81 -29.66 11.41
C PHE A 165 7.35 -30.82 12.29
N SER A 166 7.55 -30.69 13.59
CA SER A 166 6.98 -31.62 14.57
C SER A 166 6.46 -30.87 15.79
N ALA A 167 5.59 -31.52 16.56
CA ALA A 167 5.04 -30.90 17.77
C ALA A 167 5.57 -31.59 19.01
N VAL A 168 6.05 -30.80 19.97
CA VAL A 168 6.52 -31.40 21.23
C VAL A 168 6.05 -30.58 22.42
N PRO A 169 5.75 -31.26 23.53
CA PRO A 169 5.41 -30.57 24.78
C PRO A 169 6.56 -29.72 25.32
N ALA A 170 6.24 -28.53 25.83
CA ALA A 170 7.22 -27.64 26.48
C ALA A 170 7.25 -27.90 27.99
N GLU A 171 7.85 -26.99 28.76
CA GLU A 171 7.73 -27.05 30.22
C GLU A 171 6.93 -25.87 30.79
N ASP A 190 -4.44 -16.01 -16.44
CA ASP A 190 -5.61 -16.05 -15.56
C ASP A 190 -5.73 -14.93 -14.52
N HIS A 191 -6.95 -14.66 -14.08
CA HIS A 191 -7.23 -13.46 -13.28
C HIS A 191 -6.68 -13.49 -11.85
N ILE A 192 -6.16 -12.35 -11.41
CA ILE A 192 -5.71 -12.18 -10.03
C ILE A 192 -6.83 -12.60 -9.09
N ARG A 193 -6.49 -13.44 -8.11
CA ARG A 193 -7.48 -13.99 -7.18
C ARG A 193 -6.82 -14.17 -5.84
N ARG A 194 -7.59 -14.44 -4.80
CA ARG A 194 -7.00 -14.66 -3.48
C ARG A 194 -6.91 -16.13 -3.12
N ASP A 195 -5.78 -16.78 -3.42
CA ASP A 195 -5.61 -18.16 -3.00
C ASP A 195 -4.85 -18.11 -1.70
N GLU A 196 -5.59 -18.22 -0.59
CA GLU A 196 -4.99 -18.20 0.74
C GLU A 196 -4.14 -19.45 0.95
N ALA A 197 -3.12 -19.33 1.79
CA ALA A 197 -2.21 -20.44 2.05
C ALA A 197 -2.89 -21.57 2.82
N SER A 198 -2.95 -22.75 2.24
CA SER A 198 -3.54 -23.83 2.96
C SER A 198 -2.42 -24.78 3.20
N TYR A 199 -1.91 -24.83 4.43
CA TYR A 199 -0.89 -25.82 4.73
C TYR A 199 -1.58 -27.19 4.71
N VAL A 200 -0.82 -28.26 4.50
CA VAL A 200 -1.39 -29.60 4.54
C VAL A 200 -0.58 -30.51 5.45
N LEU A 201 -1.23 -31.55 5.96
CA LEU A 201 -0.56 -32.55 6.77
C LEU A 201 -0.71 -33.89 6.09
N ASP A 202 0.34 -34.69 6.11
CA ASP A 202 0.27 -36.03 5.52
C ASP A 202 -0.68 -36.92 6.34
N ASP A 203 -1.60 -37.59 5.64
CA ASP A 203 -2.57 -38.43 6.32
C ASP A 203 -1.88 -39.45 7.23
N GLY A 204 -0.57 -39.59 7.06
CA GLY A 204 0.23 -40.47 7.88
C GLY A 204 0.47 -39.98 9.30
N VAL A 205 0.14 -38.72 9.58
CA VAL A 205 0.30 -38.22 10.94
C VAL A 205 -0.66 -38.92 11.94
N PHE A 206 -1.68 -39.59 11.40
CA PHE A 206 -2.71 -40.22 12.21
C PHE A 206 -3.23 -41.51 11.57
N ASP A 207 -3.45 -42.56 12.35
CA ASP A 207 -3.82 -43.81 11.72
C ASP A 207 -5.33 -43.91 11.60
N PHE A 208 -5.84 -43.66 10.40
CA PHE A 208 -7.27 -43.68 10.20
C PHE A 208 -7.79 -45.09 10.06
N GLU A 209 -6.97 -45.98 9.52
CA GLU A 209 -7.36 -47.37 9.33
C GLU A 209 -7.83 -47.95 10.68
N LEU A 210 -6.98 -47.84 11.69
CA LEU A 210 -7.32 -48.30 13.03
C LEU A 210 -8.52 -47.53 13.59
N PHE A 211 -8.46 -46.20 13.45
CA PHE A 211 -9.48 -45.30 13.97
C PHE A 211 -10.87 -45.67 13.50
N PHE A 212 -11.02 -45.86 12.19
CA PHE A 212 -12.31 -46.18 11.60
C PHE A 212 -12.76 -47.58 11.94
N ALA A 213 -11.82 -48.45 12.28
CA ALA A 213 -12.15 -49.78 12.71
C ALA A 213 -12.89 -49.69 14.04
N GLY A 214 -12.38 -48.81 14.91
CA GLY A 214 -13.01 -48.54 16.19
C GLY A 214 -14.43 -48.03 16.03
N LEU A 215 -14.61 -47.04 15.16
CA LEU A 215 -15.94 -46.45 15.00
C LEU A 215 -16.95 -47.44 14.46
N SER A 216 -16.53 -48.30 13.53
CA SER A 216 -17.46 -49.23 12.91
C SER A 216 -17.97 -50.29 13.90
N LYS A 217 -17.12 -50.65 14.86
CA LYS A 217 -17.48 -51.56 15.95
C LYS A 217 -18.53 -50.94 16.87
N GLN A 218 -18.49 -49.60 16.97
CA GLN A 218 -19.41 -48.83 17.80
C GLN A 218 -20.61 -48.31 17.02
N LEU A 219 -20.75 -48.79 15.79
CA LEU A 219 -21.89 -48.45 14.93
C LEU A 219 -21.92 -47.00 14.50
N VAL A 220 -20.74 -46.41 14.35
CA VAL A 220 -20.62 -45.06 13.81
C VAL A 220 -20.31 -45.10 12.32
N PRO A 221 -21.29 -44.72 11.49
CA PRO A 221 -21.13 -44.72 10.04
C PRO A 221 -19.91 -43.91 9.58
N ARG A 222 -19.08 -44.53 8.74
CA ARG A 222 -17.90 -43.86 8.20
C ARG A 222 -18.26 -42.48 7.60
N ARG A 223 -19.48 -42.39 7.08
CA ARG A 223 -20.03 -41.15 6.55
C ARG A 223 -19.99 -40.00 7.56
N ALA A 224 -19.95 -40.35 8.85
CA ALA A 224 -19.96 -39.32 9.90
C ALA A 224 -18.72 -38.46 9.88
N VAL A 225 -17.61 -39.06 9.46
CA VAL A 225 -16.38 -38.31 9.39
C VAL A 225 -16.31 -37.69 8.01
N THR A 226 -16.49 -36.38 7.99
CA THR A 226 -16.53 -35.63 6.75
C THR A 226 -15.11 -35.23 6.43
N ALA A 227 -14.90 -34.58 5.29
CA ALA A 227 -13.57 -34.13 4.95
C ALA A 227 -13.16 -33.07 5.96
N LYS A 228 -14.11 -32.23 6.34
CA LYS A 228 -13.80 -31.16 7.25
C LYS A 228 -13.42 -31.70 8.64
N VAL A 229 -14.07 -32.80 9.03
CA VAL A 229 -13.80 -33.44 10.31
C VAL A 229 -12.47 -34.20 10.26
N LYS A 230 -12.28 -34.92 9.17
CA LYS A 230 -11.06 -35.70 8.96
C LYS A 230 -9.85 -34.77 8.96
N GLU A 231 -10.00 -33.63 8.31
CA GLU A 231 -8.97 -32.62 8.30
C GLU A 231 -8.71 -32.16 9.74
N ALA A 232 -9.79 -32.01 10.51
CA ALA A 232 -9.69 -31.50 11.87
C ALA A 232 -9.03 -32.51 12.78
N ILE A 233 -9.42 -33.77 12.62
CA ILE A 233 -8.85 -34.86 13.37
C ILE A 233 -7.33 -34.90 13.19
N LYS A 234 -6.91 -34.85 11.92
CA LYS A 234 -5.50 -34.80 11.55
C LYS A 234 -4.74 -33.74 12.33
N LYS A 235 -5.26 -32.52 12.35
CA LYS A 235 -4.56 -31.41 12.98
C LYS A 235 -4.49 -31.63 14.47
N LEU A 236 -5.59 -32.16 15.02
CA LEU A 236 -5.65 -32.38 16.46
C LEU A 236 -4.66 -33.46 16.90
N ALA A 237 -4.66 -34.56 16.15
CA ALA A 237 -3.74 -35.66 16.41
C ALA A 237 -2.30 -35.19 16.33
N PHE A 238 -2.01 -34.36 15.33
CA PHE A 238 -0.63 -33.96 15.09
C PHE A 238 -0.20 -32.97 16.15
N LEU A 239 -1.06 -32.00 16.41
CA LEU A 239 -0.76 -30.94 17.36
C LEU A 239 -0.60 -31.49 18.77
N TYR A 240 -1.52 -32.36 19.17
CA TYR A 240 -1.56 -32.91 20.54
C TYR A 240 -1.00 -34.33 20.77
N GLY A 241 -0.60 -35.03 19.71
CA GLY A 241 -0.07 -36.37 19.85
C GLY A 241 -1.11 -37.41 20.30
N ILE A 242 -2.37 -37.16 19.99
CA ILE A 242 -3.45 -38.05 20.39
C ILE A 242 -3.46 -39.34 19.56
N PRO A 243 -3.35 -40.50 20.23
CA PRO A 243 -3.48 -41.82 19.58
C PRO A 243 -4.91 -42.10 19.10
N PRO A 244 -5.09 -43.09 18.20
CA PRO A 244 -6.40 -43.36 17.61
C PRO A 244 -7.48 -43.83 18.58
N LEU A 245 -7.14 -44.70 19.53
CA LEU A 245 -8.12 -45.16 20.51
C LEU A 245 -8.62 -43.99 21.33
N GLU A 246 -7.71 -43.08 21.70
CA GLU A 246 -8.11 -41.88 22.41
C GLU A 246 -8.96 -40.92 21.55
N MET A 247 -8.82 -40.85 20.24
CA MET A 247 -9.71 -39.97 19.49
C MET A 247 -10.92 -40.61 19.20
N GLN A 248 -10.90 -41.85 19.32
CA GLN A 248 -12.17 -42.54 19.27
C GLN A 248 -13.04 -42.07 20.42
N LYS A 249 -12.50 -42.06 21.64
CA LYS A 249 -13.25 -41.57 22.79
C LYS A 249 -13.74 -40.15 22.57
N LEU A 250 -12.82 -39.24 22.28
CA LEU A 250 -13.14 -37.84 22.06
C LEU A 250 -14.27 -37.67 21.04
N VAL A 251 -14.19 -38.42 19.96
CA VAL A 251 -15.20 -38.31 18.93
C VAL A 251 -16.52 -38.79 19.53
N LEU A 252 -16.49 -39.96 20.14
CA LEU A 252 -17.67 -40.54 20.76
C LEU A 252 -18.27 -39.67 21.89
N GLY A 253 -17.50 -38.77 22.46
CA GLY A 253 -18.03 -37.94 23.52
C GLY A 253 -18.78 -36.75 23.00
N VAL A 254 -18.38 -36.26 21.83
CA VAL A 254 -18.98 -35.09 21.23
C VAL A 254 -19.99 -35.35 20.09
N ILE A 255 -20.25 -36.62 19.78
CA ILE A 255 -21.09 -36.93 18.62
C ILE A 255 -22.61 -36.88 18.86
N ASP A 256 -23.31 -36.23 17.92
CA ASP A 256 -24.78 -36.11 17.82
C ASP A 256 -25.53 -37.43 17.80
N PRO A 257 -26.83 -37.41 18.16
CA PRO A 257 -27.64 -38.60 17.88
C PRO A 257 -27.85 -38.70 16.38
N ALA A 258 -27.61 -37.59 15.68
CA ALA A 258 -27.71 -37.55 14.23
C ALA A 258 -26.40 -38.02 13.59
N TYR A 259 -25.43 -38.39 14.43
CA TYR A 259 -24.11 -38.77 13.95
C TYR A 259 -23.23 -37.60 13.47
N HIS A 260 -23.75 -36.38 13.60
CA HIS A 260 -22.97 -35.18 13.34
C HIS A 260 -21.86 -34.97 14.38
N ILE A 261 -20.67 -34.60 13.93
CA ILE A 261 -19.59 -34.26 14.85
C ILE A 261 -19.30 -32.77 14.83
N ASP A 262 -19.39 -32.12 15.98
CA ASP A 262 -19.12 -30.70 16.04
C ASP A 262 -17.64 -30.49 16.29
N ILE A 263 -16.97 -29.88 15.32
CA ILE A 263 -15.53 -29.74 15.35
C ILE A 263 -15.09 -28.82 16.48
N ASP A 264 -15.88 -27.77 16.73
CA ASP A 264 -15.65 -26.90 17.87
C ASP A 264 -15.59 -27.70 19.17
N ALA A 265 -16.56 -28.58 19.38
CA ALA A 265 -16.63 -29.42 20.57
C ALA A 265 -15.49 -30.46 20.62
N LEU A 266 -15.15 -31.04 19.47
CA LEU A 266 -14.01 -31.93 19.36
C LEU A 266 -12.71 -31.22 19.74
N ARG A 267 -12.51 -30.01 19.22
CA ARG A 267 -11.34 -29.20 19.55
C ARG A 267 -11.19 -29.01 21.04
N ARG A 268 -12.29 -28.70 21.73
CA ARG A 268 -12.26 -28.53 23.19
C ARG A 268 -11.85 -29.80 23.90
N ALA A 269 -12.48 -30.92 23.53
CA ALA A 269 -12.18 -32.21 24.11
C ALA A 269 -10.70 -32.54 23.97
N ALA A 270 -10.17 -32.29 22.78
CA ALA A 270 -8.75 -32.46 22.48
C ALA A 270 -7.88 -31.58 23.37
N ARG A 271 -8.20 -30.28 23.41
CA ARG A 271 -7.47 -29.34 24.25
C ARG A 271 -7.48 -29.76 25.72
N GLU A 272 -8.60 -30.33 26.17
CA GLU A 272 -8.73 -30.81 27.53
C GLU A 272 -7.85 -32.04 27.76
N TRP A 273 -7.98 -33.03 26.88
CA TRP A 273 -7.19 -34.25 26.93
C TRP A 273 -5.70 -33.94 27.09
N TYR A 274 -5.23 -32.92 26.38
CA TYR A 274 -3.81 -32.59 26.42
C TYR A 274 -3.41 -32.06 27.79
N GLU A 275 -4.26 -31.23 28.39
CA GLU A 275 -4.02 -30.71 29.73
C GLU A 275 -3.85 -31.83 30.76
N LEU A 276 -4.59 -32.93 30.62
CA LEU A 276 -4.43 -34.05 31.55
C LEU A 276 -3.13 -34.80 31.30
N GLU A 277 -2.86 -35.10 30.03
CA GLU A 277 -1.70 -35.89 29.66
C GLU A 277 -0.37 -35.25 30.05
N HIS A 278 -0.14 -34.02 29.59
CA HIS A 278 1.11 -33.33 29.88
C HIS A 278 1.11 -32.22 30.96
N GLY A 279 -0.03 -31.98 31.61
CA GLY A 279 -0.11 -30.97 32.65
C GLY A 279 -0.12 -29.51 32.20
N GLY A 280 -0.97 -29.18 31.23
CA GLY A 280 -1.20 -27.80 30.81
C GLY A 280 -0.01 -27.00 30.29
N VAL A 281 0.97 -27.68 29.69
CA VAL A 281 2.20 -27.01 29.23
C VAL A 281 2.20 -26.40 27.80
N GLU A 282 1.23 -26.79 26.97
CA GLU A 282 1.06 -26.39 25.55
C GLU A 282 2.08 -26.99 24.58
N PRO A 283 1.65 -27.25 23.32
CA PRO A 283 2.54 -27.83 22.31
C PRO A 283 3.49 -26.80 21.74
N ARG A 284 4.70 -27.24 21.37
CA ARG A 284 5.70 -26.33 20.80
C ARG A 284 6.08 -26.76 19.37
N LEU A 285 6.21 -25.78 18.48
CA LEU A 285 6.57 -26.07 17.10
C LEU A 285 8.10 -26.07 16.95
N VAL A 286 8.63 -27.13 16.34
CA VAL A 286 10.07 -27.28 16.13
C VAL A 286 10.37 -27.87 14.74
N GLU A 287 11.61 -27.71 14.27
CA GLU A 287 12.03 -28.31 13.00
C GLU A 287 12.18 -29.82 13.13
N ARG A 288 12.08 -30.53 12.01
CA ARG A 288 12.25 -31.98 12.03
C ARG A 288 13.59 -32.44 11.43
N GLU B 7 20.65 -31.67 -3.82
CA GLU B 7 19.21 -31.40 -4.07
C GLU B 7 18.85 -29.98 -4.53
N LEU B 8 19.54 -28.97 -4.02
CA LEU B 8 19.54 -27.65 -4.66
C LEU B 8 20.97 -27.12 -4.85
N ILE B 9 21.34 -26.85 -6.10
CA ILE B 9 22.66 -26.25 -6.40
C ILE B 9 22.49 -24.85 -6.98
N ALA B 10 23.50 -24.00 -6.79
CA ALA B 10 23.43 -22.60 -7.27
C ALA B 10 23.06 -22.41 -8.75
N VAL B 11 23.44 -23.32 -9.64
CA VAL B 11 23.15 -23.09 -11.05
C VAL B 11 21.78 -23.57 -11.48
N ASP B 12 21.00 -24.07 -10.52
CA ASP B 12 19.61 -24.37 -10.79
C ASP B 12 18.85 -23.07 -11.05
N ARG B 13 17.95 -23.12 -12.03
CA ARG B 13 17.17 -21.96 -12.42
C ARG B 13 15.81 -21.90 -11.70
N TYR B 14 15.39 -20.69 -11.38
CA TYR B 14 14.07 -20.48 -10.85
C TYR B 14 13.28 -19.41 -11.61
N THR B 15 11.98 -19.37 -11.31
CA THR B 15 11.13 -18.30 -11.79
C THR B 15 10.21 -18.02 -10.62
N VAL B 16 9.82 -16.76 -10.42
CA VAL B 16 8.90 -16.44 -9.35
C VAL B 16 7.55 -15.99 -9.91
N GLN B 17 6.49 -16.64 -9.45
CA GLN B 17 5.16 -16.38 -9.97
C GLN B 17 4.11 -16.35 -8.85
N SER B 18 2.95 -15.76 -9.14
CA SER B 18 1.81 -15.82 -8.20
C SER B 18 0.48 -15.55 -8.90
N ARG B 19 -0.60 -16.13 -8.39
CA ARG B 19 -1.93 -15.83 -8.88
C ARG B 19 -2.59 -14.75 -8.02
N GLY B 20 -1.89 -14.38 -6.94
CA GLY B 20 -2.36 -13.37 -6.02
C GLY B 20 -1.57 -12.08 -6.15
N VAL B 21 -1.83 -11.13 -5.26
CA VAL B 21 -0.97 -9.98 -5.10
C VAL B 21 -0.78 -9.71 -3.63
N LEU B 22 0.44 -9.86 -3.17
CA LEU B 22 0.73 -9.78 -1.76
C LEU B 22 0.50 -8.28 -1.45
N GLN B 23 -0.13 -7.93 -0.32
CA GLN B 23 -0.50 -6.52 -0.02
C GLN B 23 -0.06 -6.06 1.37
N GLU B 24 -0.34 -4.81 1.72
CA GLU B 24 0.12 -4.23 3.00
C GLU B 24 -0.31 -5.00 4.24
N VAL B 25 -1.59 -5.34 4.36
CA VAL B 25 -2.02 -6.16 5.49
C VAL B 25 -1.27 -7.49 5.55
N ASP B 26 -1.11 -8.11 4.39
CA ASP B 26 -0.45 -9.41 4.27
C ASP B 26 0.94 -9.40 4.94
N ARG B 27 1.66 -8.32 4.69
CA ARG B 27 2.94 -8.05 5.34
C ARG B 27 2.91 -8.10 6.86
N LYS B 28 1.99 -7.36 7.47
CA LYS B 28 1.85 -7.34 8.91
C LYS B 28 1.57 -8.75 9.48
N VAL B 29 0.72 -9.49 8.80
CA VAL B 29 0.38 -10.83 9.24
C VAL B 29 1.65 -11.68 9.23
N LEU B 30 2.40 -11.61 8.14
CA LEU B 30 3.69 -12.29 8.01
C LEU B 30 4.67 -11.86 9.07
N THR B 31 4.68 -10.58 9.36
CA THR B 31 5.60 -10.08 10.33
C THR B 31 5.19 -10.44 11.74
N LEU B 32 3.91 -10.32 12.06
CA LEU B 32 3.48 -10.51 13.45
C LEU B 32 2.87 -11.87 13.82
N LEU B 33 2.52 -12.67 12.83
CA LEU B 33 1.84 -13.94 13.08
C LEU B 33 2.63 -15.15 12.55
N TYR B 34 3.00 -15.12 11.27
CA TYR B 34 3.89 -16.14 10.77
C TYR B 34 5.31 -16.10 11.31
N GLN B 35 5.93 -14.92 11.36
CA GLN B 35 7.34 -14.86 11.73
C GLN B 35 7.69 -15.49 13.08
N PRO B 36 6.76 -15.41 14.05
CA PRO B 36 7.19 -16.13 15.26
C PRO B 36 7.18 -17.67 15.09
N LEU B 37 6.42 -18.17 14.13
CA LEU B 37 6.52 -19.59 13.81
C LEU B 37 7.69 -20.00 12.89
N ILE B 38 7.90 -19.29 11.78
CA ILE B 38 8.88 -19.69 10.77
C ILE B 38 10.25 -19.05 10.97
N GLY B 39 10.30 -18.03 11.81
CA GLY B 39 11.55 -17.35 12.07
C GLY B 39 11.86 -16.21 11.11
N CYS B 40 12.72 -15.30 11.56
CA CYS B 40 13.01 -14.08 10.80
C CYS B 40 13.57 -14.36 9.41
N ARG B 41 14.49 -15.31 9.30
CA ARG B 41 15.16 -15.57 8.04
C ARG B 41 14.15 -16.02 6.98
N ALA B 42 13.19 -16.84 7.38
CA ALA B 42 12.15 -17.24 6.45
C ALA B 42 11.30 -16.04 5.99
N LEU B 43 11.05 -15.09 6.89
CA LEU B 43 10.37 -13.86 6.54
C LEU B 43 11.11 -13.15 5.41
N ALA B 44 12.44 -13.04 5.55
CA ALA B 44 13.24 -12.33 4.54
C ALA B 44 13.30 -13.08 3.21
N LEU B 45 13.41 -14.39 3.26
CA LEU B 45 13.28 -15.09 2.00
C LEU B 45 11.92 -14.84 1.35
N TYR B 46 10.86 -14.78 2.16
CA TYR B 46 9.53 -14.54 1.63
C TYR B 46 9.49 -13.16 1.01
N MET B 47 9.97 -12.17 1.75
CA MET B 47 10.02 -10.81 1.24
C MET B 47 10.78 -10.72 -0.07
N THR B 48 11.97 -11.33 -0.08
CA THR B 48 12.80 -11.33 -1.26
C THR B 48 12.07 -11.95 -2.45
N LEU B 49 11.39 -13.07 -2.23
CA LEU B 49 10.64 -13.72 -3.31
C LEU B 49 9.54 -12.82 -3.88
N TRP B 50 9.02 -11.93 -3.03
CA TRP B 50 7.96 -11.02 -3.40
C TRP B 50 8.57 -9.88 -4.21
N GLY B 51 9.75 -9.43 -3.81
CA GLY B 51 10.54 -8.51 -4.63
C GLY B 51 10.87 -9.07 -6.01
N GLU B 52 11.37 -10.31 -6.05
CA GLU B 52 11.75 -10.94 -7.31
C GLU B 52 10.57 -11.07 -8.25
N LEU B 53 9.39 -11.30 -7.68
CA LEU B 53 8.19 -11.50 -8.49
C LEU B 53 8.00 -10.31 -9.41
N GLU B 54 8.18 -9.11 -8.85
CA GLU B 54 8.07 -7.88 -9.61
C GLU B 54 9.30 -7.61 -10.49
N LEU B 55 10.50 -7.84 -9.94
CA LEU B 55 11.73 -7.55 -10.66
C LEU B 55 11.99 -8.46 -11.85
N LEU B 56 11.86 -9.77 -11.69
CA LEU B 56 11.94 -10.66 -12.85
C LEU B 56 10.53 -10.74 -13.38
N ASP B 57 10.25 -10.17 -14.53
CA ASP B 57 8.85 -10.18 -14.90
C ASP B 57 8.76 -11.47 -15.64
N GLY B 58 8.30 -12.52 -14.97
CA GLY B 58 8.24 -13.82 -15.60
C GLY B 58 9.58 -14.39 -16.09
N GLN B 59 10.69 -13.71 -15.83
CA GLN B 59 12.00 -14.15 -16.35
C GLN B 59 12.64 -15.30 -15.55
N GLU B 60 13.74 -15.84 -16.06
CA GLU B 60 14.54 -16.88 -15.38
C GLU B 60 15.82 -16.33 -14.74
N ALA B 61 16.21 -16.89 -13.60
CA ALA B 61 17.50 -16.57 -12.94
C ALA B 61 18.20 -17.84 -12.42
N THR B 62 19.52 -17.79 -12.24
CA THR B 62 20.17 -18.80 -11.39
C THR B 62 20.04 -18.42 -9.93
N HIS B 63 20.17 -19.40 -9.05
CA HIS B 63 20.08 -19.09 -7.63
C HIS B 63 21.21 -18.14 -7.16
N HIS B 64 22.15 -17.81 -8.02
CA HIS B 64 23.19 -16.84 -7.66
C HIS B 64 22.59 -15.50 -7.27
N ARG B 65 21.47 -15.19 -7.92
CA ARG B 65 20.79 -13.91 -7.77
C ARG B 65 20.22 -13.84 -6.35
N LEU B 66 19.56 -14.93 -5.97
CA LEU B 66 19.03 -15.06 -4.64
C LEU B 66 20.10 -14.87 -3.59
N MET B 67 21.23 -15.54 -3.79
CA MET B 67 22.35 -15.50 -2.85
C MET B 67 22.88 -14.08 -2.78
N ALA B 68 22.83 -13.40 -3.93
CA ALA B 68 23.39 -12.05 -4.00
C ALA B 68 22.45 -11.00 -3.44
N LEU B 69 21.15 -11.14 -3.70
CA LEU B 69 20.21 -10.16 -3.17
C LEU B 69 20.15 -10.27 -1.64
N MET B 70 20.02 -11.50 -1.14
CA MET B 70 19.89 -11.78 0.29
C MET B 70 21.21 -11.83 1.05
N GLN B 71 22.30 -11.78 0.30
CA GLN B 71 23.64 -11.76 0.87
C GLN B 71 23.90 -13.00 1.74
N CYS B 72 23.64 -14.18 1.16
CA CYS B 72 23.59 -15.38 1.95
C CYS B 72 23.79 -16.63 1.12
N GLY B 73 24.18 -17.72 1.77
CA GLY B 73 24.48 -18.94 1.07
C GLY B 73 23.30 -19.84 0.80
N LEU B 74 23.45 -20.71 -0.18
CA LEU B 74 22.41 -21.63 -0.59
C LEU B 74 21.82 -22.55 0.49
N PRO B 75 22.66 -23.17 1.36
CA PRO B 75 22.07 -24.07 2.37
C PRO B 75 20.97 -23.41 3.22
N ASP B 76 21.20 -22.19 3.67
CA ASP B 76 20.16 -21.54 4.48
C ASP B 76 18.93 -21.22 3.62
N ILE B 77 19.16 -20.59 2.48
CA ILE B 77 18.07 -20.36 1.58
C ILE B 77 17.24 -21.64 1.43
N TYR B 78 17.88 -22.78 1.26
CA TYR B 78 17.13 -24.03 1.09
C TYR B 78 16.24 -24.38 2.28
N SER B 79 16.80 -24.28 3.49
CA SER B 79 16.13 -24.79 4.66
C SER B 79 14.98 -23.87 5.02
N GLU B 80 15.14 -22.58 4.73
CA GLU B 80 14.11 -21.61 5.01
C GLU B 80 13.03 -21.73 3.97
N ARG B 81 13.41 -22.09 2.76
CA ARG B 81 12.42 -22.32 1.73
C ARG B 81 11.46 -23.44 2.17
N LEU B 82 11.98 -24.40 2.90
CA LEU B 82 11.19 -25.55 3.23
C LEU B 82 10.14 -25.17 4.25
N LYS B 83 10.50 -24.23 5.12
CA LYS B 83 9.60 -23.70 6.10
C LYS B 83 8.43 -22.97 5.42
N LEU B 84 8.74 -22.12 4.46
CA LEU B 84 7.72 -21.47 3.64
C LEU B 84 6.75 -22.50 3.01
N GLU B 85 7.29 -23.54 2.40
CA GLU B 85 6.44 -24.59 1.85
C GLU B 85 5.54 -25.24 2.91
N GLY B 86 6.09 -25.48 4.09
CA GLY B 86 5.37 -26.27 5.09
C GLY B 86 4.23 -25.49 5.70
N ILE B 87 4.46 -24.19 5.87
CA ILE B 87 3.51 -23.32 6.52
C ILE B 87 2.54 -22.84 5.47
N GLY B 88 2.80 -23.13 4.21
CA GLY B 88 1.86 -22.85 3.13
C GLY B 88 2.05 -21.59 2.29
N LEU B 89 3.08 -20.82 2.59
CA LEU B 89 3.38 -19.58 1.90
C LEU B 89 4.01 -19.73 0.51
N LEU B 90 4.47 -20.94 0.18
CA LEU B 90 5.17 -21.15 -1.08
C LEU B 90 4.88 -22.51 -1.67
N ASP B 91 4.53 -22.57 -2.96
CA ASP B 91 4.43 -23.85 -3.63
C ASP B 91 5.62 -24.01 -4.60
N THR B 92 6.26 -25.16 -4.58
CA THR B 92 7.44 -25.33 -5.42
C THR B 92 7.18 -26.37 -6.50
N TYR B 93 7.41 -25.99 -7.76
CA TYR B 93 7.31 -26.96 -8.84
C TYR B 93 8.67 -27.15 -9.55
N VAL B 94 8.92 -28.32 -10.11
CA VAL B 94 10.09 -28.49 -11.00
C VAL B 94 9.65 -28.76 -12.43
N HIS B 95 10.54 -28.42 -13.36
CA HIS B 95 10.38 -28.77 -14.76
C HIS B 95 10.97 -30.14 -14.94
N ALA B 96 10.36 -30.95 -15.82
CA ALA B 96 10.93 -32.25 -16.15
C ALA B 96 12.34 -31.96 -16.68
N LYS B 97 13.29 -32.83 -16.36
CA LYS B 97 14.70 -32.51 -16.62
C LYS B 97 15.19 -32.98 -17.99
N GLU B 98 15.51 -32.01 -18.84
CA GLU B 98 16.17 -32.25 -20.14
C GLU B 98 17.25 -31.20 -20.46
N ALA B 99 18.49 -31.64 -20.73
CA ALA B 99 18.83 -33.06 -20.72
C ALA B 99 19.12 -33.56 -19.30
N ASP B 100 20.28 -33.19 -18.78
CA ASP B 100 20.62 -33.47 -17.40
C ASP B 100 21.29 -32.26 -16.78
N GLU B 101 20.62 -31.70 -15.75
CA GLU B 101 21.06 -30.48 -15.09
C GLU B 101 21.00 -29.30 -16.03
N PRO B 102 20.84 -28.10 -15.47
CA PRO B 102 20.27 -27.88 -14.14
C PRO B 102 18.73 -27.97 -14.11
N LYS B 103 18.17 -28.15 -12.92
CA LYS B 103 16.73 -28.18 -12.73
C LYS B 103 16.17 -26.76 -12.89
N LEU B 104 14.95 -26.68 -13.42
CA LEU B 104 14.22 -25.42 -13.47
C LEU B 104 13.06 -25.44 -12.46
N PHE B 105 13.08 -24.49 -11.52
CA PHE B 105 12.02 -24.42 -10.50
C PHE B 105 10.99 -23.34 -10.80
N LEU B 106 9.73 -23.63 -10.45
CA LEU B 106 8.71 -22.59 -10.38
C LEU B 106 8.41 -22.29 -8.91
N TYR B 107 8.77 -21.11 -8.44
CA TYR B 107 8.39 -20.73 -7.09
C TYR B 107 7.09 -19.94 -7.15
N GLU B 108 6.01 -20.53 -6.66
CA GLU B 108 4.68 -19.95 -6.75
C GLU B 108 4.30 -19.39 -5.38
N LEU B 109 4.19 -18.07 -5.30
CA LEU B 109 3.91 -17.41 -4.02
C LEU B 109 2.43 -17.41 -3.62
N ARG B 110 2.19 -17.83 -2.38
CA ARG B 110 0.83 -17.89 -1.85
C ARG B 110 0.70 -16.91 -0.70
N PRO B 111 -0.26 -16.00 -0.80
CA PRO B 111 -0.38 -14.94 0.22
C PRO B 111 -0.76 -15.58 1.55
N PRO B 112 -0.44 -14.89 2.66
CA PRO B 112 -0.76 -15.41 3.99
C PRO B 112 -2.25 -15.58 4.23
N LEU B 113 -2.61 -16.45 5.16
CA LEU B 113 -3.97 -16.43 5.65
C LEU B 113 -4.34 -15.03 6.14
N ALA B 114 -5.61 -14.68 5.99
CA ALA B 114 -6.11 -13.45 6.57
C ALA B 114 -6.16 -13.65 8.07
N PRO B 115 -6.14 -12.56 8.84
CA PRO B 115 -6.18 -12.76 10.29
C PRO B 115 -7.29 -13.68 10.84
N ASP B 116 -8.56 -13.54 10.42
CA ASP B 116 -9.57 -14.46 10.99
C ASP B 116 -9.26 -15.93 10.73
N GLN B 117 -8.82 -16.28 9.52
CA GLN B 117 -8.45 -17.65 9.22
C GLN B 117 -7.24 -18.12 10.04
N PHE B 118 -6.33 -17.22 10.34
CA PHE B 118 -5.15 -17.62 11.07
C PHE B 118 -5.53 -18.06 12.47
N PHE B 119 -6.17 -17.15 13.19
CA PHE B 119 -6.58 -17.41 14.56
C PHE B 119 -7.60 -18.53 14.69
N ARG B 120 -8.36 -18.78 13.64
CA ARG B 120 -9.34 -19.85 13.69
C ARG B 120 -8.72 -21.22 13.54
N ASP B 121 -7.53 -21.23 12.96
CA ASP B 121 -6.80 -22.47 12.76
C ASP B 121 -6.34 -23.09 14.08
N GLU B 122 -6.60 -24.39 14.23
CA GLU B 122 -6.20 -25.18 15.40
C GLU B 122 -4.72 -25.05 15.77
N MET B 123 -3.82 -25.35 14.83
CA MET B 123 -2.43 -25.45 15.19
C MET B 123 -1.76 -24.08 15.29
N LEU B 124 -2.04 -23.20 14.33
CA LEU B 124 -1.30 -21.96 14.19
C LEU B 124 -1.48 -21.09 15.42
N SER B 125 -2.71 -21.03 15.90
CA SER B 125 -2.99 -20.16 17.04
C SER B 125 -2.35 -20.76 18.27
N VAL B 126 -2.44 -22.08 18.41
CA VAL B 126 -1.84 -22.74 19.58
C VAL B 126 -0.31 -22.61 19.55
N PHE B 127 0.30 -22.81 18.38
CA PHE B 127 1.74 -22.58 18.29
C PHE B 127 2.13 -21.12 18.56
N LEU B 128 1.54 -20.19 17.83
CA LEU B 128 1.82 -18.77 18.06
C LEU B 128 1.75 -18.36 19.52
N ARG B 129 0.67 -18.80 20.19
CA ARG B 129 0.46 -18.55 21.62
C ARG B 129 1.64 -18.96 22.51
N ARG B 130 2.10 -20.21 22.36
CA ARG B 130 3.20 -20.72 23.17
C ARG B 130 4.46 -19.95 22.83
N GLN B 131 4.60 -19.62 21.57
CA GLN B 131 5.73 -18.85 21.10
C GLN B 131 5.84 -17.44 21.70
N VAL B 132 4.77 -16.65 21.62
CA VAL B 132 4.85 -15.26 22.07
C VAL B 132 4.41 -15.01 23.51
N GLY B 133 3.83 -16.02 24.15
CA GLY B 133 3.35 -15.80 25.49
C GLY B 133 1.94 -15.24 25.47
N ARG B 134 1.16 -15.58 26.50
CA ARG B 134 -0.27 -15.28 26.47
C ARG B 134 -0.56 -13.78 26.40
N HIS B 135 0.24 -12.97 27.09
CA HIS B 135 0.04 -11.52 27.04
C HIS B 135 0.15 -10.96 25.63
N LEU B 136 1.27 -11.23 24.95
CA LEU B 136 1.50 -10.69 23.61
C LEU B 136 0.53 -11.29 22.58
N PHE B 137 0.18 -12.55 22.78
CA PHE B 137 -0.81 -13.17 21.92
C PHE B 137 -2.13 -12.39 21.89
N ILE B 138 -2.50 -11.79 23.02
CA ILE B 138 -3.71 -10.98 23.12
C ILE B 138 -3.61 -9.64 22.39
N GLN B 139 -2.51 -8.93 22.60
CA GLN B 139 -2.29 -7.71 21.82
C GLN B 139 -2.35 -8.01 20.31
N LEU B 140 -1.69 -9.10 19.90
CA LEU B 140 -1.73 -9.55 18.52
C LEU B 140 -3.14 -9.84 18.06
N SER B 141 -3.91 -10.55 18.89
CA SER B 141 -5.31 -10.77 18.58
C SER B 141 -6.07 -9.45 18.38
N ASN B 142 -5.98 -8.57 19.37
CA ASN B 142 -6.65 -7.27 19.31
C ASN B 142 -6.24 -6.44 18.11
N PHE B 143 -4.95 -6.46 17.80
CA PHE B 143 -4.44 -5.66 16.71
C PHE B 143 -5.17 -6.02 15.42
N PHE B 144 -5.44 -7.31 15.23
CA PHE B 144 -6.13 -7.79 14.02
C PHE B 144 -7.66 -7.84 14.16
N ALA B 145 -8.14 -7.25 15.26
CA ALA B 145 -9.56 -7.19 15.57
C ALA B 145 -10.16 -5.81 15.30
N ARG B 146 -11.45 -5.79 14.93
CA ARG B 146 -12.27 -4.59 14.85
C ARG B 146 -13.52 -4.82 15.71
N PRO B 147 -13.99 -3.78 16.43
CA PRO B 147 -15.24 -3.88 17.19
C PRO B 147 -16.40 -4.36 16.32
N SER B 148 -17.20 -5.29 16.85
CA SER B 148 -18.27 -5.92 16.08
C SER B 148 -19.45 -4.97 15.80
N ILE B 149 -20.44 -5.43 15.05
CA ILE B 149 -21.66 -4.65 14.84
C ILE B 149 -22.77 -5.15 15.73
N ASP B 150 -23.30 -4.29 16.60
CA ASP B 150 -24.33 -4.73 17.52
C ASP B 150 -25.66 -4.79 16.76
N GLU B 151 -26.16 -6.01 16.60
CA GLU B 151 -27.34 -6.24 15.76
C GLU B 151 -28.62 -5.98 16.56
N THR B 152 -28.47 -5.89 17.88
CA THR B 152 -29.61 -5.58 18.74
C THR B 152 -30.02 -4.13 18.54
N LYS B 153 -29.02 -3.26 18.42
CA LYS B 153 -29.25 -1.83 18.30
C LYS B 153 -29.29 -1.31 16.85
N PHE B 154 -28.89 -2.14 15.88
CA PHE B 154 -28.83 -1.69 14.48
C PHE B 154 -29.55 -2.61 13.53
N THR B 155 -30.19 -2.01 12.53
CA THR B 155 -30.95 -2.79 11.56
C THR B 155 -30.58 -2.32 10.16
N GLN B 156 -30.49 -3.27 9.23
CA GLN B 156 -29.94 -3.01 7.92
C GLN B 156 -30.99 -2.37 7.01
N VAL B 157 -30.65 -1.18 6.53
CA VAL B 157 -31.43 -0.47 5.51
C VAL B 157 -30.82 -0.55 4.12
N THR B 158 -29.78 -1.35 3.96
CA THR B 158 -29.05 -1.41 2.67
C THR B 158 -29.99 -1.68 1.48
N ARG B 159 -29.70 -1.09 0.32
CA ARG B 159 -30.51 -1.36 -0.86
C ARG B 159 -29.89 -2.38 -1.81
N SER B 160 -30.74 -3.20 -2.43
CA SER B 160 -30.25 -4.21 -3.35
C SER B 160 -30.03 -3.64 -4.74
N PHE B 161 -29.46 -4.46 -5.61
CA PHE B 161 -29.04 -4.05 -6.94
C PHE B 161 -30.26 -3.61 -7.71
N SER B 162 -31.29 -4.44 -7.67
CA SER B 162 -32.53 -4.20 -8.38
C SER B 162 -33.23 -2.95 -7.88
N ASP B 163 -32.98 -2.57 -6.61
CA ASP B 163 -33.57 -1.35 -6.04
C ASP B 163 -33.03 -0.13 -6.74
N VAL B 164 -31.71 -0.10 -6.85
CA VAL B 164 -30.97 1.00 -7.46
C VAL B 164 -30.82 0.99 -8.99
N PHE B 165 -30.63 -0.20 -9.58
CA PHE B 165 -30.23 -0.32 -11.00
C PHE B 165 -31.24 -1.06 -11.89
N SER B 166 -31.12 -0.86 -13.21
CA SER B 166 -31.92 -1.59 -14.20
C SER B 166 -31.14 -1.94 -15.48
N ALA B 167 -31.57 -3.01 -16.14
CA ALA B 167 -30.98 -3.42 -17.42
C ALA B 167 -31.84 -2.96 -18.59
N VAL B 168 -31.20 -2.34 -19.58
CA VAL B 168 -31.92 -1.88 -20.76
C VAL B 168 -31.02 -2.04 -21.98
N PRO B 169 -31.63 -2.32 -23.15
CA PRO B 169 -30.92 -2.41 -24.45
C PRO B 169 -30.52 -1.03 -24.99
N ALA B 170 -29.41 -0.92 -25.73
CA ALA B 170 -28.98 0.38 -26.26
C ALA B 170 -28.50 0.31 -27.72
N GLU B 171 -28.32 1.47 -28.34
CA GLU B 171 -27.82 1.52 -29.73
C GLU B 171 -26.36 1.06 -29.85
N ASP B 190 -14.47 -9.26 16.79
CA ASP B 190 -14.32 -9.66 15.37
C ASP B 190 -12.92 -9.55 14.72
N HIS B 191 -12.41 -10.65 14.18
CA HIS B 191 -11.15 -10.63 13.47
C HIS B 191 -11.28 -10.19 12.02
N ILE B 192 -10.33 -9.39 11.56
CA ILE B 192 -10.27 -8.93 10.17
C ILE B 192 -10.33 -10.10 9.20
N ARG B 193 -11.21 -9.98 8.20
CA ARG B 193 -11.36 -11.00 7.17
C ARG B 193 -11.56 -10.40 5.77
N ARG B 194 -11.84 -11.24 4.79
CA ARG B 194 -12.30 -10.74 3.51
C ARG B 194 -13.76 -11.13 3.34
N ASP B 195 -14.64 -10.14 3.40
CA ASP B 195 -16.06 -10.40 3.15
C ASP B 195 -16.16 -9.98 1.71
N GLU B 196 -16.20 -10.97 0.82
CA GLU B 196 -16.30 -10.69 -0.61
C GLU B 196 -17.63 -9.93 -0.86
N ALA B 197 -17.55 -8.79 -1.54
CA ALA B 197 -18.75 -7.96 -1.65
C ALA B 197 -19.72 -8.66 -2.60
N SER B 198 -20.87 -9.02 -2.08
CA SER B 198 -21.79 -9.75 -2.91
C SER B 198 -22.98 -8.85 -3.08
N TYR B 199 -23.14 -8.34 -4.29
CA TYR B 199 -24.32 -7.55 -4.54
C TYR B 199 -25.52 -8.46 -4.42
N VAL B 200 -26.68 -7.90 -4.11
CA VAL B 200 -27.85 -8.70 -3.84
C VAL B 200 -28.88 -8.40 -4.91
N LEU B 201 -29.34 -9.44 -5.59
CA LEU B 201 -30.51 -9.31 -6.44
C LEU B 201 -31.60 -9.91 -5.60
N ASP B 202 -32.48 -9.07 -5.09
CA ASP B 202 -33.64 -9.53 -4.34
C ASP B 202 -34.56 -10.25 -5.32
N ASP B 203 -34.77 -11.54 -5.09
CA ASP B 203 -35.44 -12.36 -6.08
C ASP B 203 -36.96 -12.23 -6.17
N GLY B 204 -37.44 -11.05 -6.55
CA GLY B 204 -38.80 -10.95 -7.02
C GLY B 204 -38.59 -10.61 -8.46
N VAL B 205 -37.31 -10.45 -8.81
CA VAL B 205 -36.94 -10.04 -10.15
C VAL B 205 -37.26 -11.18 -11.12
N PHE B 206 -37.42 -12.37 -10.57
CA PHE B 206 -37.68 -13.55 -11.36
C PHE B 206 -38.67 -14.43 -10.61
N ASP B 207 -39.68 -14.95 -11.30
CA ASP B 207 -40.65 -15.82 -10.65
C ASP B 207 -40.11 -17.23 -10.72
N PHE B 208 -39.65 -17.76 -9.60
CA PHE B 208 -39.12 -19.10 -9.60
C PHE B 208 -40.21 -20.14 -9.55
N GLU B 209 -41.36 -19.79 -8.97
CA GLU B 209 -42.47 -20.74 -8.94
C GLU B 209 -42.92 -21.07 -10.35
N LEU B 210 -43.09 -20.05 -11.17
CA LEU B 210 -43.46 -20.23 -12.57
C LEU B 210 -42.41 -21.08 -13.28
N PHE B 211 -41.14 -20.74 -13.08
CA PHE B 211 -40.04 -21.49 -13.68
C PHE B 211 -40.10 -22.98 -13.35
N PHE B 212 -40.24 -23.31 -12.06
CA PHE B 212 -40.25 -24.70 -11.62
C PHE B 212 -41.55 -25.43 -11.91
N ALA B 213 -42.62 -24.67 -12.11
CA ALA B 213 -43.93 -25.23 -12.37
C ALA B 213 -43.90 -26.12 -13.60
N GLY B 214 -43.47 -25.53 -14.71
CA GLY B 214 -43.39 -26.24 -15.98
C GLY B 214 -42.13 -27.09 -16.07
N LEU B 215 -41.07 -26.68 -15.40
CA LEU B 215 -39.83 -27.45 -15.45
C LEU B 215 -40.01 -28.83 -14.79
N SER B 216 -40.76 -28.85 -13.70
CA SER B 216 -41.08 -30.08 -12.99
C SER B 216 -42.01 -30.92 -13.87
N LYS B 217 -42.93 -30.25 -14.55
CA LYS B 217 -43.81 -30.86 -15.58
C LYS B 217 -42.98 -31.57 -16.66
N GLN B 218 -41.78 -31.07 -16.90
CA GLN B 218 -40.83 -31.66 -17.84
C GLN B 218 -39.87 -32.63 -17.12
N LEU B 219 -40.18 -32.92 -15.85
CA LEU B 219 -39.53 -34.00 -15.09
C LEU B 219 -38.05 -33.79 -14.82
N VAL B 220 -37.67 -32.54 -14.58
CA VAL B 220 -36.33 -32.20 -14.17
C VAL B 220 -36.35 -31.98 -12.67
N PRO B 221 -35.51 -32.72 -11.93
CA PRO B 221 -35.49 -32.64 -10.47
C PRO B 221 -35.16 -31.23 -9.99
N ARG B 222 -35.79 -30.78 -8.91
CA ARG B 222 -35.46 -29.48 -8.35
C ARG B 222 -34.00 -29.47 -7.89
N ARG B 223 -33.48 -30.63 -7.51
CA ARG B 223 -32.10 -30.76 -7.06
C ARG B 223 -31.13 -30.29 -8.15
N ALA B 224 -31.57 -30.34 -9.40
CA ALA B 224 -30.72 -29.95 -10.53
C ALA B 224 -30.28 -28.49 -10.42
N VAL B 225 -31.17 -27.63 -9.93
CA VAL B 225 -30.86 -26.22 -9.77
C VAL B 225 -30.16 -25.99 -8.43
N THR B 226 -28.83 -25.94 -8.45
CA THR B 226 -28.08 -25.78 -7.24
C THR B 226 -28.18 -24.32 -6.87
N ALA B 227 -27.55 -23.94 -5.77
CA ALA B 227 -27.47 -22.53 -5.41
C ALA B 227 -26.78 -21.79 -6.55
N LYS B 228 -25.61 -22.28 -6.95
CA LYS B 228 -24.85 -21.66 -8.04
C LYS B 228 -25.71 -21.46 -9.29
N VAL B 229 -26.45 -22.48 -9.69
CA VAL B 229 -27.35 -22.37 -10.84
C VAL B 229 -28.44 -21.33 -10.61
N LYS B 230 -29.11 -21.42 -9.46
CA LYS B 230 -30.19 -20.50 -9.10
C LYS B 230 -29.72 -19.06 -9.16
N GLU B 231 -28.51 -18.82 -8.67
CA GLU B 231 -27.90 -17.50 -8.72
C GLU B 231 -27.76 -17.06 -10.17
N ALA B 232 -27.17 -17.94 -10.97
CA ALA B 232 -26.94 -17.67 -12.38
C ALA B 232 -28.25 -17.36 -13.09
N ILE B 233 -29.29 -18.15 -12.82
CA ILE B 233 -30.57 -17.91 -13.48
C ILE B 233 -31.09 -16.51 -13.13
N LYS B 234 -31.14 -16.20 -11.85
CA LYS B 234 -31.55 -14.87 -11.39
C LYS B 234 -30.79 -13.77 -12.10
N LYS B 235 -29.46 -13.86 -12.11
CA LYS B 235 -28.66 -12.83 -12.76
C LYS B 235 -28.89 -12.76 -14.26
N LEU B 236 -29.02 -13.91 -14.93
CA LEU B 236 -29.26 -13.87 -16.36
C LEU B 236 -30.67 -13.35 -16.66
N ALA B 237 -31.64 -13.70 -15.82
CA ALA B 237 -33.01 -13.21 -16.02
C ALA B 237 -33.05 -11.67 -15.99
N PHE B 238 -32.45 -11.10 -14.96
CA PHE B 238 -32.39 -9.64 -14.80
C PHE B 238 -31.56 -8.95 -15.87
N LEU B 239 -30.42 -9.54 -16.22
CA LEU B 239 -29.48 -8.89 -17.14
C LEU B 239 -30.03 -8.80 -18.56
N TYR B 240 -30.68 -9.87 -18.99
CA TYR B 240 -31.23 -9.98 -20.33
C TYR B 240 -32.75 -9.83 -20.42
N GLY B 241 -33.42 -9.55 -19.31
CA GLY B 241 -34.86 -9.47 -19.28
C GLY B 241 -35.54 -10.74 -19.78
N ILE B 242 -35.08 -11.88 -19.30
CA ILE B 242 -35.62 -13.16 -19.74
C ILE B 242 -36.79 -13.58 -18.86
N PRO B 243 -37.96 -13.73 -19.46
CA PRO B 243 -39.15 -14.20 -18.73
C PRO B 243 -38.96 -15.63 -18.24
N PRO B 244 -39.74 -16.02 -17.23
CA PRO B 244 -39.63 -17.36 -16.64
C PRO B 244 -39.84 -18.49 -17.64
N LEU B 245 -40.82 -18.37 -18.53
CA LEU B 245 -41.12 -19.46 -19.44
C LEU B 245 -40.01 -19.61 -20.49
N GLU B 246 -39.34 -18.50 -20.81
CA GLU B 246 -38.22 -18.58 -21.73
C GLU B 246 -36.97 -19.16 -21.06
N MET B 247 -36.74 -18.81 -19.80
CA MET B 247 -35.62 -19.39 -19.09
C MET B 247 -35.81 -20.90 -19.01
N GLN B 248 -37.08 -21.29 -18.92
CA GLN B 248 -37.45 -22.69 -18.83
C GLN B 248 -36.90 -23.48 -20.02
N LYS B 249 -37.11 -22.99 -21.24
CA LYS B 249 -36.58 -23.68 -22.41
C LYS B 249 -35.05 -23.62 -22.43
N LEU B 250 -34.50 -22.45 -22.17
CA LEU B 250 -33.05 -22.27 -22.13
C LEU B 250 -32.37 -23.29 -21.22
N VAL B 251 -32.91 -23.49 -20.03
CA VAL B 251 -32.31 -24.44 -19.09
C VAL B 251 -32.44 -25.85 -19.64
N LEU B 252 -33.65 -26.20 -20.10
CA LEU B 252 -33.89 -27.49 -20.73
C LEU B 252 -32.89 -27.72 -21.88
N GLY B 253 -32.63 -26.67 -22.66
CA GLY B 253 -31.59 -26.71 -23.67
C GLY B 253 -30.23 -27.19 -23.19
N VAL B 254 -29.76 -26.69 -22.06
CA VAL B 254 -28.40 -26.98 -21.64
C VAL B 254 -28.24 -28.10 -20.61
N ILE B 255 -29.34 -28.62 -20.10
CA ILE B 255 -29.22 -29.64 -19.07
C ILE B 255 -28.75 -30.97 -19.69
N ASP B 256 -27.72 -31.58 -19.10
CA ASP B 256 -27.25 -32.85 -19.64
C ASP B 256 -28.07 -34.06 -19.12
N PRO B 257 -27.78 -35.28 -19.60
CA PRO B 257 -28.50 -36.46 -19.09
C PRO B 257 -28.23 -36.83 -17.63
N ALA B 258 -27.20 -36.25 -17.05
CA ALA B 258 -26.87 -36.46 -15.63
C ALA B 258 -27.57 -35.42 -14.74
N TYR B 259 -28.41 -34.61 -15.38
CA TYR B 259 -29.13 -33.53 -14.74
C TYR B 259 -28.21 -32.42 -14.21
N HIS B 260 -27.00 -32.35 -14.76
CA HIS B 260 -26.11 -31.23 -14.46
C HIS B 260 -26.38 -30.07 -15.38
N ILE B 261 -26.37 -28.87 -14.80
CA ILE B 261 -26.57 -27.66 -15.57
C ILE B 261 -25.28 -26.87 -15.63
N ASP B 262 -24.74 -26.71 -16.84
CA ASP B 262 -23.48 -25.99 -17.00
C ASP B 262 -23.79 -24.50 -17.10
N ILE B 263 -23.28 -23.74 -16.14
CA ILE B 263 -23.57 -22.32 -16.10
C ILE B 263 -23.04 -21.65 -17.35
N ASP B 264 -21.81 -22.00 -17.74
CA ASP B 264 -21.19 -21.32 -18.87
C ASP B 264 -21.94 -21.59 -20.16
N ALA B 265 -22.41 -22.83 -20.32
CA ALA B 265 -23.31 -23.16 -21.40
C ALA B 265 -24.54 -22.28 -21.34
N LEU B 266 -25.18 -22.24 -20.18
CA LEU B 266 -26.41 -21.45 -19.99
C LEU B 266 -26.24 -19.94 -20.28
N ARG B 267 -25.08 -19.39 -19.93
CA ARG B 267 -24.77 -18.00 -20.22
C ARG B 267 -24.81 -17.78 -21.73
N ARG B 268 -24.23 -18.72 -22.48
CA ARG B 268 -24.19 -18.64 -23.94
C ARG B 268 -25.60 -18.66 -24.54
N ALA B 269 -26.44 -19.55 -24.02
CA ALA B 269 -27.80 -19.67 -24.51
C ALA B 269 -28.59 -18.40 -24.25
N ALA B 270 -28.30 -17.75 -23.13
CA ALA B 270 -29.04 -16.57 -22.71
C ALA B 270 -28.58 -15.36 -23.50
N ARG B 271 -27.28 -15.28 -23.77
CA ARG B 271 -26.74 -14.19 -24.58
C ARG B 271 -27.30 -14.27 -25.99
N GLU B 272 -27.20 -15.45 -26.59
CA GLU B 272 -27.74 -15.70 -27.92
C GLU B 272 -29.23 -15.36 -27.99
N TRP B 273 -29.99 -15.78 -26.99
CA TRP B 273 -31.41 -15.50 -26.93
C TRP B 273 -31.67 -14.00 -26.90
N TYR B 274 -30.76 -13.25 -26.29
CA TYR B 274 -30.93 -11.80 -26.17
C TYR B 274 -30.60 -11.16 -27.50
N GLU B 275 -29.56 -11.67 -28.14
CA GLU B 275 -29.17 -11.20 -29.46
C GLU B 275 -30.35 -11.40 -30.41
N LEU B 276 -30.81 -12.64 -30.54
CA LEU B 276 -31.91 -12.98 -31.45
C LEU B 276 -33.17 -12.16 -31.18
N GLU B 277 -33.38 -11.75 -29.94
CA GLU B 277 -34.54 -10.94 -29.60
C GLU B 277 -34.36 -9.45 -29.92
N HIS B 278 -33.25 -8.87 -29.48
CA HIS B 278 -33.00 -7.43 -29.67
C HIS B 278 -32.04 -7.06 -30.80
N GLY B 279 -31.49 -8.05 -31.50
CA GLY B 279 -30.57 -7.80 -32.60
C GLY B 279 -29.13 -7.45 -32.23
N GLY B 280 -28.51 -8.22 -31.35
CA GLY B 280 -27.11 -8.04 -31.00
C GLY B 280 -26.79 -6.69 -30.37
N VAL B 281 -27.69 -6.18 -29.54
CA VAL B 281 -27.55 -4.82 -29.01
C VAL B 281 -26.72 -4.64 -27.73
N GLU B 282 -26.63 -5.69 -26.92
CA GLU B 282 -25.99 -5.66 -25.57
C GLU B 282 -26.76 -4.85 -24.53
N PRO B 283 -26.73 -5.31 -23.26
CA PRO B 283 -27.39 -4.61 -22.16
C PRO B 283 -26.58 -3.43 -21.61
N ARG B 284 -27.26 -2.41 -21.11
CA ARG B 284 -26.60 -1.27 -20.50
C ARG B 284 -27.08 -1.15 -19.06
N LEU B 285 -26.19 -0.76 -18.14
CA LEU B 285 -26.61 -0.55 -16.76
C LEU B 285 -27.04 0.90 -16.57
N VAL B 286 -28.20 1.10 -15.94
CA VAL B 286 -28.80 2.42 -15.76
C VAL B 286 -29.51 2.56 -14.41
N GLU B 287 -29.72 3.81 -13.99
CA GLU B 287 -30.47 4.12 -12.77
C GLU B 287 -31.90 3.65 -12.96
N ARG B 288 -32.59 3.39 -11.86
CA ARG B 288 -33.96 2.92 -11.93
C ARG B 288 -34.99 4.07 -11.85
N GLU C 7 -8.74 24.49 -27.01
CA GLU C 7 -9.74 23.86 -26.15
C GLU C 7 -9.42 22.40 -25.90
N LEU C 8 -10.45 21.57 -25.82
CA LEU C 8 -10.28 20.15 -25.58
C LEU C 8 -11.46 19.35 -26.12
N ILE C 9 -11.20 18.52 -27.13
CA ILE C 9 -12.25 17.69 -27.73
C ILE C 9 -12.00 16.19 -27.59
N ALA C 10 -13.05 15.40 -27.69
CA ALA C 10 -12.96 13.98 -27.31
C ALA C 10 -11.97 13.19 -28.15
N VAL C 11 -11.71 13.65 -29.37
CA VAL C 11 -10.86 12.92 -30.31
C VAL C 11 -9.38 13.15 -30.00
N ASP C 12 -9.10 14.13 -29.15
CA ASP C 12 -7.74 14.47 -28.76
C ASP C 12 -7.09 13.29 -28.05
N ARG C 13 -5.77 13.27 -28.03
CA ARG C 13 -5.05 12.13 -27.48
C ARG C 13 -4.28 12.54 -26.24
N TYR C 14 -3.95 11.57 -25.40
CA TYR C 14 -3.17 11.85 -24.20
C TYR C 14 -2.28 10.69 -23.79
N THR C 15 -1.21 11.03 -23.09
CA THR C 15 -0.41 10.03 -22.39
C THR C 15 -0.46 10.42 -20.92
N VAL C 16 -0.36 9.43 -20.05
CA VAL C 16 -0.24 9.70 -18.65
C VAL C 16 1.12 9.20 -18.23
N GLN C 17 1.91 10.08 -17.63
CA GLN C 17 3.22 9.71 -17.15
C GLN C 17 3.43 10.30 -15.79
N SER C 18 4.38 9.71 -15.05
CA SER C 18 4.81 10.28 -13.79
C SER C 18 6.25 9.88 -13.50
N ARG C 19 6.95 10.82 -12.90
CA ARG C 19 8.34 10.67 -12.50
C ARG C 19 8.39 10.20 -11.04
N GLY C 20 7.23 9.82 -10.52
CA GLY C 20 7.11 9.39 -9.15
C GLY C 20 6.05 8.33 -8.96
N VAL C 21 5.97 7.81 -7.75
CA VAL C 21 5.01 6.75 -7.49
C VAL C 21 4.05 7.25 -6.43
N LEU C 22 2.82 6.75 -6.49
CA LEU C 22 1.77 7.37 -5.71
C LEU C 22 1.28 6.35 -4.68
N GLN C 23 1.43 6.65 -3.39
CA GLN C 23 1.30 5.65 -2.33
C GLN C 23 0.19 5.94 -1.29
N GLU C 24 0.07 5.10 -0.27
CA GLU C 24 -1.08 5.17 0.64
C GLU C 24 -1.26 6.46 1.43
N VAL C 25 -0.21 6.99 2.06
CA VAL C 25 -0.43 8.26 2.76
C VAL C 25 -0.81 9.39 1.80
N ASP C 26 -0.35 9.28 0.56
CA ASP C 26 -0.80 10.19 -0.48
C ASP C 26 -2.31 10.15 -0.65
N ARG C 27 -2.87 8.95 -0.73
CA ARG C 27 -4.31 8.79 -0.91
C ARG C 27 -5.08 9.44 0.24
N LYS C 28 -4.62 9.18 1.46
CA LYS C 28 -5.19 9.80 2.65
C LYS C 28 -5.01 11.31 2.68
N VAL C 29 -3.90 11.81 2.12
CA VAL C 29 -3.64 13.25 2.16
C VAL C 29 -4.52 13.87 1.15
N LEU C 30 -4.62 13.22 0.00
CA LEU C 30 -5.43 13.70 -1.11
C LEU C 30 -6.93 13.67 -0.80
N THR C 31 -7.35 12.68 -0.01
CA THR C 31 -8.75 12.54 0.29
C THR C 31 -9.14 13.49 1.42
N LEU C 32 -8.27 13.65 2.40
CA LEU C 32 -8.60 14.46 3.57
C LEU C 32 -8.09 15.90 3.59
N LEU C 33 -7.12 16.22 2.71
CA LEU C 33 -6.47 17.54 2.73
C LEU C 33 -6.76 18.27 1.43
N TYR C 34 -6.39 17.67 0.31
CA TYR C 34 -6.75 18.25 -0.97
C TYR C 34 -8.26 18.29 -1.30
N GLN C 35 -8.99 17.22 -1.02
CA GLN C 35 -10.38 17.12 -1.48
C GLN C 35 -11.30 18.25 -0.98
N PRO C 36 -11.13 18.68 0.28
CA PRO C 36 -11.94 19.80 0.76
C PRO C 36 -11.73 21.09 -0.03
N LEU C 37 -10.55 21.27 -0.60
CA LEU C 37 -10.30 22.40 -1.50
C LEU C 37 -10.73 22.21 -2.97
N ILE C 38 -10.38 21.08 -3.57
CA ILE C 38 -10.60 20.87 -5.00
C ILE C 38 -11.91 20.15 -5.33
N GLY C 39 -12.56 19.62 -4.30
CA GLY C 39 -13.80 18.90 -4.47
C GLY C 39 -13.59 17.43 -4.77
N CYS C 40 -14.66 16.65 -4.70
CA CYS C 40 -14.59 15.22 -4.96
C CYS C 40 -14.47 14.94 -6.46
N ARG C 41 -15.29 15.62 -7.25
CA ARG C 41 -15.27 15.44 -8.70
C ARG C 41 -13.85 15.47 -9.24
N ALA C 42 -12.99 16.27 -8.60
CA ALA C 42 -11.59 16.38 -9.01
C ALA C 42 -10.76 15.22 -8.45
N LEU C 43 -10.99 14.91 -7.16
CA LEU C 43 -10.39 13.75 -6.54
C LEU C 43 -10.59 12.52 -7.42
N ALA C 44 -11.83 12.30 -7.88
CA ALA C 44 -12.10 11.24 -8.83
C ALA C 44 -11.18 11.23 -10.06
N LEU C 45 -10.95 12.39 -10.67
CA LEU C 45 -10.12 12.44 -11.88
C LEU C 45 -8.69 12.13 -11.54
N TYR C 46 -8.22 12.61 -10.39
CA TYR C 46 -6.84 12.36 -10.04
C TYR C 46 -6.62 10.85 -9.94
N MET C 47 -7.49 10.20 -9.19
CA MET C 47 -7.44 8.75 -9.02
C MET C 47 -7.54 8.01 -10.35
N THR C 48 -8.33 8.55 -11.27
CA THR C 48 -8.49 7.88 -12.56
C THR C 48 -7.21 7.97 -13.39
N LEU C 49 -6.59 9.15 -13.42
CA LEU C 49 -5.37 9.33 -14.21
C LEU C 49 -4.28 8.41 -13.67
N TRP C 50 -4.25 8.29 -12.36
CA TRP C 50 -3.23 7.52 -11.70
C TRP C 50 -3.44 6.04 -12.05
N GLY C 51 -4.70 5.61 -12.10
CA GLY C 51 -5.01 4.29 -12.63
C GLY C 51 -4.58 4.11 -14.09
N GLU C 52 -4.79 5.13 -14.91
CA GLU C 52 -4.38 5.07 -16.31
C GLU C 52 -2.88 4.87 -16.44
N LEU C 53 -2.12 5.56 -15.61
CA LEU C 53 -0.67 5.47 -15.59
C LEU C 53 -0.23 4.03 -15.72
N GLU C 54 -0.75 3.18 -14.84
CA GLU C 54 -0.38 1.77 -14.82
C GLU C 54 -1.07 0.96 -15.93
N LEU C 55 -2.30 1.34 -16.27
CA LEU C 55 -3.08 0.61 -17.27
C LEU C 55 -2.51 0.81 -18.67
N LEU C 56 -2.28 2.08 -19.04
CA LEU C 56 -1.61 2.39 -20.30
C LEU C 56 -0.14 2.46 -19.98
N ASP C 57 0.66 1.51 -20.44
CA ASP C 57 2.07 1.62 -20.10
C ASP C 57 2.59 2.47 -21.23
N GLY C 58 2.80 3.75 -20.96
CA GLY C 58 3.33 4.67 -21.94
C GLY C 58 2.50 4.87 -23.21
N GLN C 59 1.40 4.12 -23.36
CA GLN C 59 0.67 4.13 -24.63
C GLN C 59 -0.27 5.32 -24.80
N GLU C 60 -0.89 5.43 -25.96
CA GLU C 60 -1.74 6.58 -26.32
C GLU C 60 -3.23 6.27 -26.29
N ALA C 61 -4.02 7.30 -25.98
CA ALA C 61 -5.45 7.11 -25.81
C ALA C 61 -6.27 8.31 -26.28
N THR C 62 -7.46 8.04 -26.81
CA THR C 62 -8.40 9.10 -27.15
C THR C 62 -9.12 9.51 -25.88
N HIS C 63 -9.62 10.73 -25.79
CA HIS C 63 -10.20 11.17 -24.53
C HIS C 63 -11.55 10.46 -24.28
N HIS C 64 -11.99 9.62 -25.22
CA HIS C 64 -13.25 8.90 -25.06
C HIS C 64 -13.10 7.86 -23.95
N ARG C 65 -11.87 7.40 -23.76
CA ARG C 65 -11.55 6.44 -22.73
C ARG C 65 -11.89 7.01 -21.35
N LEU C 66 -11.32 8.16 -21.04
CA LEU C 66 -11.64 8.83 -19.80
C LEU C 66 -13.14 8.99 -19.64
N MET C 67 -13.80 9.47 -20.68
CA MET C 67 -15.25 9.63 -20.66
C MET C 67 -15.94 8.32 -20.24
N ALA C 68 -15.44 7.20 -20.74
CA ALA C 68 -16.04 5.90 -20.46
C ALA C 68 -15.74 5.36 -19.05
N LEU C 69 -14.49 5.52 -18.61
CA LEU C 69 -14.03 4.97 -17.34
C LEU C 69 -14.67 5.74 -16.22
N MET C 70 -14.78 7.05 -16.38
CA MET C 70 -15.41 7.88 -15.37
C MET C 70 -16.94 7.95 -15.52
N GLN C 71 -17.43 7.56 -16.70
CA GLN C 71 -18.85 7.69 -17.02
C GLN C 71 -19.31 9.14 -16.80
N CYS C 72 -18.46 10.05 -17.19
CA CYS C 72 -18.69 11.48 -17.04
C CYS C 72 -18.56 12.07 -18.43
N GLY C 73 -19.02 13.31 -18.58
CA GLY C 73 -18.91 13.98 -19.87
C GLY C 73 -17.63 14.80 -19.98
N LEU C 74 -17.24 15.11 -21.21
CA LEU C 74 -15.97 15.79 -21.44
C LEU C 74 -15.77 17.15 -20.73
N PRO C 75 -16.77 18.07 -20.83
CA PRO C 75 -16.57 19.40 -20.23
C PRO C 75 -16.30 19.37 -18.73
N ASP C 76 -16.99 18.48 -18.01
CA ASP C 76 -16.71 18.33 -16.58
C ASP C 76 -15.26 17.90 -16.38
N ILE C 77 -14.80 16.96 -17.20
CA ILE C 77 -13.44 16.47 -17.11
C ILE C 77 -12.44 17.60 -17.26
N TYR C 78 -12.64 18.45 -18.26
CA TYR C 78 -11.78 19.62 -18.45
C TYR C 78 -11.75 20.49 -17.20
N SER C 79 -12.92 20.95 -16.78
CA SER C 79 -13.04 21.78 -15.60
C SER C 79 -12.26 21.22 -14.40
N GLU C 80 -12.46 19.97 -14.07
CA GLU C 80 -11.80 19.42 -12.90
C GLU C 80 -10.26 19.28 -13.10
N ARG C 81 -9.85 18.96 -14.33
CA ARG C 81 -8.43 18.88 -14.65
C ARG C 81 -7.72 20.20 -14.38
N LEU C 82 -8.41 21.31 -14.61
CA LEU C 82 -7.84 22.63 -14.41
C LEU C 82 -7.55 22.88 -12.93
N LYS C 83 -8.41 22.38 -12.04
CA LYS C 83 -8.14 22.49 -10.62
C LYS C 83 -6.95 21.62 -10.26
N LEU C 84 -6.76 20.51 -10.98
CA LEU C 84 -5.62 19.65 -10.70
C LEU C 84 -4.34 20.37 -11.10
N GLU C 85 -4.35 20.95 -12.29
CA GLU C 85 -3.27 21.80 -12.77
C GLU C 85 -3.06 22.98 -11.82
N GLY C 86 -4.17 23.57 -11.39
CA GLY C 86 -4.09 24.73 -10.55
C GLY C 86 -3.37 24.46 -9.25
N ILE C 87 -3.77 23.40 -8.57
CA ILE C 87 -3.26 23.17 -7.22
C ILE C 87 -1.97 22.35 -7.27
N GLY C 88 -1.45 22.15 -8.48
CA GLY C 88 -0.16 21.52 -8.66
C GLY C 88 -0.18 20.02 -8.43
N LEU C 89 -1.28 19.36 -8.78
CA LEU C 89 -1.31 17.92 -8.76
C LEU C 89 -1.10 17.38 -10.18
N LEU C 90 -1.08 18.29 -11.14
CA LEU C 90 -0.99 17.88 -12.54
C LEU C 90 -0.30 18.95 -13.35
N ASP C 91 0.58 18.50 -14.24
CA ASP C 91 1.24 19.37 -15.19
C ASP C 91 0.82 18.86 -16.54
N THR C 92 0.35 19.76 -17.40
CA THR C 92 -0.12 19.37 -18.73
C THR C 92 0.73 19.98 -19.84
N TYR C 93 1.28 19.11 -20.69
CA TYR C 93 2.07 19.56 -21.83
C TYR C 93 1.34 19.21 -23.13
N VAL C 94 1.73 19.88 -24.20
CA VAL C 94 1.21 19.60 -25.54
C VAL C 94 2.33 19.37 -26.54
N HIS C 95 2.00 18.67 -27.63
CA HIS C 95 2.93 18.35 -28.69
C HIS C 95 2.52 19.24 -29.87
N ALA C 96 3.50 19.82 -30.58
CA ALA C 96 3.19 20.76 -31.65
C ALA C 96 2.46 20.07 -32.81
N LYS C 97 1.65 20.82 -33.56
CA LYS C 97 0.69 20.22 -34.50
C LYS C 97 1.20 19.94 -35.93
N GLU C 98 1.29 18.66 -36.29
CA GLU C 98 1.34 18.21 -37.69
C GLU C 98 0.70 16.82 -37.76
N ALA C 99 -0.04 16.52 -38.83
CA ALA C 99 -0.26 17.46 -39.93
C ALA C 99 -1.51 18.30 -39.68
N ASP C 100 -2.68 17.70 -39.89
CA ASP C 100 -3.92 18.35 -39.51
C ASP C 100 -4.58 17.52 -38.42
N GLU C 101 -4.47 17.98 -37.17
CA GLU C 101 -5.19 17.42 -36.03
C GLU C 101 -4.80 15.94 -35.75
N PRO C 102 -5.18 15.39 -34.57
CA PRO C 102 -5.66 16.05 -33.36
C PRO C 102 -4.49 16.30 -32.40
N LYS C 103 -4.77 16.99 -31.28
CA LYS C 103 -3.73 17.34 -30.32
C LYS C 103 -3.26 16.10 -29.57
N LEU C 104 -2.03 16.11 -29.09
CA LEU C 104 -1.54 15.08 -28.17
C LEU C 104 -1.14 15.74 -26.84
N PHE C 105 -1.65 15.20 -25.73
CA PHE C 105 -1.38 15.77 -24.40
C PHE C 105 -0.49 14.88 -23.57
N LEU C 106 0.30 15.50 -22.71
CA LEU C 106 1.07 14.71 -21.74
C LEU C 106 0.57 15.00 -20.34
N TYR C 107 -0.11 14.04 -19.73
CA TYR C 107 -0.62 14.30 -18.40
C TYR C 107 0.42 13.80 -17.41
N GLU C 108 1.08 14.75 -16.75
CA GLU C 108 2.17 14.44 -15.85
C GLU C 108 1.67 14.50 -14.43
N LEU C 109 1.70 13.39 -13.73
CA LEU C 109 1.12 13.37 -12.40
C LEU C 109 2.16 13.66 -11.34
N ARG C 110 1.80 14.52 -10.39
CA ARG C 110 2.68 14.85 -9.28
C ARG C 110 2.02 14.40 -8.01
N PRO C 111 2.80 13.82 -7.10
CA PRO C 111 2.23 13.39 -5.82
C PRO C 111 1.86 14.62 -5.00
N PRO C 112 0.91 14.48 -4.05
CA PRO C 112 0.59 15.63 -3.19
C PRO C 112 1.77 16.05 -2.35
N LEU C 113 1.59 17.08 -1.54
CA LEU C 113 2.61 17.44 -0.57
C LEU C 113 2.62 16.40 0.52
N ALA C 114 3.71 16.31 1.26
CA ALA C 114 3.70 15.49 2.46
C ALA C 114 2.88 16.30 3.44
N PRO C 115 2.29 15.64 4.42
CA PRO C 115 1.48 16.39 5.40
C PRO C 115 2.18 17.59 6.04
N ASP C 116 3.41 17.42 6.54
CA ASP C 116 4.17 18.52 7.15
C ASP C 116 4.22 19.74 6.21
N GLN C 117 4.40 19.50 4.91
CA GLN C 117 4.47 20.55 3.91
C GLN C 117 3.13 21.27 3.73
N PHE C 118 2.06 20.50 3.59
CA PHE C 118 0.73 21.06 3.36
C PHE C 118 0.33 22.00 4.48
N PHE C 119 0.60 21.57 5.70
CA PHE C 119 0.20 22.35 6.84
C PHE C 119 1.08 23.57 6.99
N ARG C 120 2.26 23.52 6.39
CA ARG C 120 3.15 24.67 6.45
C ARG C 120 2.92 25.68 5.33
N ASP C 121 2.16 25.31 4.31
CA ASP C 121 1.92 26.24 3.22
C ASP C 121 1.10 27.39 3.76
N GLU C 122 1.59 28.61 3.53
CA GLU C 122 1.00 29.79 4.14
C GLU C 122 -0.48 29.97 3.73
N MET C 123 -0.83 29.50 2.53
CA MET C 123 -2.20 29.56 2.00
C MET C 123 -3.08 28.33 2.34
N LEU C 124 -2.69 27.16 1.84
CA LEU C 124 -3.52 25.94 1.89
C LEU C 124 -4.13 25.64 3.25
N SER C 125 -3.32 25.74 4.30
CA SER C 125 -3.78 25.44 5.64
C SER C 125 -4.91 26.38 6.06
N VAL C 126 -4.88 27.61 5.56
CA VAL C 126 -5.90 28.57 5.96
C VAL C 126 -7.23 28.24 5.28
N PHE C 127 -7.17 28.09 3.94
CA PHE C 127 -8.34 27.72 3.17
C PHE C 127 -9.04 26.49 3.74
N LEU C 128 -8.26 25.47 4.06
CA LEU C 128 -8.77 24.24 4.63
C LEU C 128 -9.57 24.50 5.91
N ARG C 129 -8.98 25.22 6.86
CA ARG C 129 -9.66 25.53 8.12
C ARG C 129 -11.00 26.24 7.88
N ARG C 130 -11.09 27.05 6.82
CA ARG C 130 -12.34 27.71 6.51
C ARG C 130 -13.34 26.70 5.99
N GLN C 131 -12.94 25.92 4.99
CA GLN C 131 -13.84 24.96 4.37
C GLN C 131 -14.24 23.85 5.33
N VAL C 132 -13.30 23.46 6.18
CA VAL C 132 -13.47 22.36 7.12
C VAL C 132 -14.10 22.70 8.46
N GLY C 133 -13.74 23.86 9.01
CA GLY C 133 -14.17 24.24 10.33
C GLY C 133 -13.10 23.94 11.36
N ARG C 134 -12.99 24.73 12.42
CA ARG C 134 -11.86 24.61 13.34
C ARG C 134 -11.72 23.22 13.96
N HIS C 135 -12.83 22.60 14.31
CA HIS C 135 -12.80 21.32 15.01
C HIS C 135 -12.20 20.24 14.12
N LEU C 136 -12.70 20.14 12.90
CA LEU C 136 -12.25 19.09 12.02
C LEU C 136 -10.82 19.35 11.54
N PHE C 137 -10.41 20.60 11.55
CA PHE C 137 -9.06 20.93 11.13
C PHE C 137 -8.05 20.38 12.14
N ILE C 138 -8.27 20.65 13.42
CA ILE C 138 -7.44 20.08 14.47
C ILE C 138 -7.37 18.55 14.38
N GLN C 139 -8.49 17.93 14.04
CA GLN C 139 -8.51 16.49 13.91
C GLN C 139 -7.65 16.05 12.72
N LEU C 140 -7.72 16.80 11.63
CA LEU C 140 -6.92 16.49 10.46
C LEU C 140 -5.45 16.71 10.76
N SER C 141 -5.15 17.63 11.65
CA SER C 141 -3.76 17.91 11.92
C SER C 141 -3.22 16.80 12.80
N ASN C 142 -3.95 16.49 13.86
CA ASN C 142 -3.52 15.45 14.79
C ASN C 142 -3.36 14.09 14.12
N PHE C 143 -4.13 13.85 13.07
CA PHE C 143 -4.15 12.58 12.38
C PHE C 143 -2.83 12.39 11.67
N PHE C 144 -2.35 13.46 11.05
CA PHE C 144 -1.10 13.45 10.31
C PHE C 144 0.08 13.82 11.18
N ALA C 145 -0.16 13.85 12.48
CA ALA C 145 0.89 14.13 13.44
C ALA C 145 1.31 12.89 14.22
N ARG C 146 2.57 12.89 14.64
CA ARG C 146 3.12 11.90 15.57
C ARG C 146 3.77 12.67 16.72
N PRO C 147 4.01 11.98 17.86
CA PRO C 147 4.72 12.67 18.96
C PRO C 147 6.14 13.08 18.58
N SER C 148 6.56 14.24 19.06
CA SER C 148 7.91 14.72 18.84
C SER C 148 8.84 14.08 19.86
N ILE C 149 10.12 13.98 19.51
CA ILE C 149 11.10 13.34 20.38
C ILE C 149 11.72 14.35 21.36
N ASP C 150 11.82 13.96 22.63
CA ASP C 150 12.31 14.87 23.65
C ASP C 150 13.83 14.73 23.72
N GLU C 151 14.52 15.76 23.23
CA GLU C 151 15.97 15.74 23.09
C GLU C 151 16.64 16.01 24.45
N THR C 152 15.82 16.47 25.40
CA THR C 152 16.30 16.76 26.75
C THR C 152 16.57 15.49 27.55
N LYS C 153 15.74 14.47 27.32
CA LYS C 153 15.90 13.21 28.05
C LYS C 153 16.70 12.14 27.28
N PHE C 154 17.05 12.43 26.02
CA PHE C 154 17.55 11.36 25.14
C PHE C 154 18.89 11.65 24.44
N THR C 155 19.92 10.85 24.75
CA THR C 155 21.21 10.86 24.04
C THR C 155 21.06 10.13 22.71
N GLN C 156 21.91 10.41 21.73
CA GLN C 156 21.92 9.59 20.54
C GLN C 156 23.18 8.73 20.47
N VAL C 157 23.00 7.43 20.67
CA VAL C 157 24.08 6.46 20.68
C VAL C 157 24.28 5.76 19.32
N THR C 158 23.54 6.23 18.30
CA THR C 158 23.60 5.64 16.96
C THR C 158 25.02 5.52 16.38
N ARG C 159 25.33 4.34 15.83
CA ARG C 159 26.62 4.11 15.13
C ARG C 159 26.63 4.71 13.72
N SER C 160 27.83 5.04 13.23
CA SER C 160 27.98 5.63 11.92
C SER C 160 28.21 4.55 10.87
N PHE C 161 28.30 4.96 9.61
CA PHE C 161 28.50 4.00 8.55
C PHE C 161 29.93 3.45 8.62
N SER C 162 30.87 4.36 8.83
CA SER C 162 32.27 4.03 8.98
C SER C 162 32.53 3.18 10.22
N ASP C 163 31.61 3.24 11.18
CA ASP C 163 31.71 2.45 12.40
C ASP C 163 31.48 0.96 12.12
N VAL C 164 30.46 0.65 11.34
CA VAL C 164 30.14 -0.74 11.04
C VAL C 164 30.63 -1.26 9.68
N PHE C 165 31.17 -0.40 8.83
CA PHE C 165 31.61 -0.86 7.51
C PHE C 165 33.00 -0.39 7.14
N SER C 166 33.63 -1.12 6.20
CA SER C 166 34.95 -0.73 5.71
C SER C 166 35.04 -0.97 4.21
N ALA C 167 35.90 -0.19 3.55
CA ALA C 167 36.09 -0.30 2.09
C ALA C 167 37.36 -1.08 1.75
N VAL C 168 37.19 -2.11 0.94
CA VAL C 168 38.25 -3.06 0.68
C VAL C 168 38.32 -3.32 -0.82
N PRO C 169 39.53 -3.45 -1.38
CA PRO C 169 39.64 -3.74 -2.82
C PRO C 169 39.34 -5.19 -3.22
N ALA C 170 38.95 -5.37 -4.48
CA ALA C 170 38.68 -6.68 -5.08
C ALA C 170 39.33 -6.61 -6.46
N GLU C 171 39.11 -7.62 -7.32
CA GLU C 171 39.68 -7.57 -8.69
C GLU C 171 38.64 -7.88 -9.79
N GLN C 172 38.99 -7.60 -11.04
CA GLN C 172 38.11 -7.91 -12.17
C GLN C 172 38.52 -9.20 -12.88
N ASP C 190 6.31 17.32 14.84
CA ASP C 190 5.10 16.51 15.03
C ASP C 190 4.49 15.97 13.71
N HIS C 191 4.45 16.77 12.65
CA HIS C 191 3.78 16.34 11.40
C HIS C 191 4.56 15.33 10.56
N ILE C 192 3.83 14.34 10.04
CA ILE C 192 4.45 13.30 9.22
C ILE C 192 5.20 13.94 8.07
N ARG C 193 6.48 13.62 7.96
CA ARG C 193 7.35 14.24 6.96
C ARG C 193 8.20 13.19 6.26
N ARG C 194 8.84 13.57 5.15
CA ARG C 194 9.71 12.66 4.44
C ARG C 194 11.19 12.92 4.68
N ASP C 195 11.83 12.05 5.47
CA ASP C 195 13.26 12.15 5.72
C ASP C 195 14.06 11.71 4.51
N GLU C 196 14.96 12.59 4.05
CA GLU C 196 16.03 12.12 3.20
C GLU C 196 16.96 11.52 4.25
N ALA C 197 17.14 10.20 4.22
CA ALA C 197 17.89 9.53 5.28
C ALA C 197 19.36 9.40 4.90
N SER C 198 20.19 10.16 5.59
CA SER C 198 21.60 10.23 5.27
C SER C 198 22.39 9.37 6.24
N TYR C 199 23.10 8.38 5.71
CA TYR C 199 24.14 7.73 6.49
C TYR C 199 25.23 8.78 6.70
N VAL C 200 25.99 8.64 7.78
CA VAL C 200 27.08 9.58 8.01
C VAL C 200 28.42 8.87 8.12
N LEU C 201 29.47 9.61 7.76
CA LEU C 201 30.84 9.13 7.87
C LEU C 201 31.57 9.98 8.89
N ASP C 202 32.07 9.32 9.94
CA ASP C 202 32.88 9.98 10.97
C ASP C 202 34.00 10.75 10.28
N ASP C 203 34.25 11.98 10.73
CA ASP C 203 35.25 12.84 10.10
C ASP C 203 36.68 12.35 10.32
N GLY C 204 36.84 11.41 11.24
CA GLY C 204 38.12 10.79 11.51
C GLY C 204 38.42 9.69 10.50
N VAL C 205 37.67 9.70 9.40
CA VAL C 205 37.89 8.77 8.31
C VAL C 205 38.73 9.49 7.26
N PHE C 206 39.12 10.72 7.62
CA PHE C 206 39.90 11.56 6.74
C PHE C 206 40.64 12.58 7.60
N ASP C 207 41.84 12.99 7.18
CA ASP C 207 42.59 13.98 7.95
C ASP C 207 42.41 15.33 7.26
N PHE C 208 41.58 16.17 7.86
CA PHE C 208 41.22 17.45 7.28
C PHE C 208 42.24 18.54 7.57
N GLU C 209 42.81 18.49 8.77
CA GLU C 209 43.88 19.41 9.17
C GLU C 209 44.99 19.47 8.14
N LEU C 210 45.64 18.32 7.94
CA LEU C 210 46.71 18.18 6.95
C LEU C 210 46.29 18.67 5.56
N PHE C 211 45.07 18.33 5.17
CA PHE C 211 44.57 18.76 3.87
C PHE C 211 44.52 20.28 3.76
N PHE C 212 44.06 20.95 4.81
CA PHE C 212 43.89 22.40 4.81
C PHE C 212 45.17 23.21 5.05
N ALA C 213 46.04 22.70 5.92
CA ALA C 213 47.29 23.38 6.26
C ALA C 213 48.38 23.21 5.19
N GLY C 214 48.09 22.38 4.19
CA GLY C 214 48.93 22.28 3.01
C GLY C 214 48.26 22.93 1.80
N LEU C 215 47.06 23.45 2.00
CA LEU C 215 46.20 23.92 0.90
C LEU C 215 46.27 25.42 0.60
N SER C 216 45.90 26.24 1.57
CA SER C 216 45.52 27.65 1.35
C SER C 216 46.54 28.46 0.58
N LYS C 217 47.76 27.92 0.49
CA LYS C 217 48.88 28.55 -0.21
C LYS C 217 48.62 28.87 -1.70
N GLN C 218 47.60 28.26 -2.29
CA GLN C 218 47.19 28.57 -3.67
C GLN C 218 46.09 29.64 -3.72
N LEU C 219 45.77 30.21 -2.56
CA LEU C 219 44.63 31.12 -2.41
C LEU C 219 43.31 30.41 -2.73
N VAL C 220 43.21 29.17 -2.26
CA VAL C 220 41.95 28.45 -2.23
C VAL C 220 41.58 28.21 -0.76
N PRO C 221 40.57 28.94 -0.27
CA PRO C 221 40.24 29.08 1.15
C PRO C 221 39.49 27.89 1.75
N ARG C 222 39.05 28.02 3.01
CA ARG C 222 38.18 27.05 3.64
C ARG C 222 36.72 27.49 3.42
N ARG C 223 36.57 28.59 2.69
CA ARG C 223 35.26 29.11 2.32
C ARG C 223 34.75 28.44 1.05
N ALA C 224 35.65 27.78 0.33
CA ALA C 224 35.29 27.09 -0.90
C ALA C 224 34.84 25.66 -0.61
N VAL C 225 35.01 25.21 0.63
CA VAL C 225 34.53 23.88 0.99
C VAL C 225 33.19 23.98 1.74
N THR C 226 32.13 23.68 1.01
CA THR C 226 30.78 23.60 1.56
C THR C 226 30.67 22.29 2.33
N ALA C 227 29.70 22.14 3.21
CA ALA C 227 29.45 20.82 3.79
C ALA C 227 29.09 19.83 2.67
N LYS C 228 28.48 20.36 1.61
CA LYS C 228 28.21 19.63 0.36
C LYS C 228 29.51 19.05 -0.25
N VAL C 229 30.56 19.87 -0.30
CA VAL C 229 31.90 19.43 -0.69
C VAL C 229 32.58 18.66 0.43
N LYS C 230 32.55 19.20 1.63
CA LYS C 230 33.19 18.59 2.79
C LYS C 230 32.74 17.14 2.96
N GLU C 231 31.44 16.91 2.79
CA GLU C 231 30.87 15.57 2.91
C GLU C 231 31.26 14.68 1.71
N ALA C 232 31.17 15.26 0.50
CA ALA C 232 31.52 14.52 -0.71
C ALA C 232 33.01 14.10 -0.75
N ILE C 233 33.88 14.88 -0.12
CA ILE C 233 35.28 14.48 0.05
C ILE C 233 35.36 13.22 0.89
N LYS C 234 34.74 13.27 2.08
CA LYS C 234 34.72 12.14 3.02
C LYS C 234 34.34 10.82 2.33
N LYS C 235 33.31 10.86 1.49
CA LYS C 235 32.83 9.68 0.79
C LYS C 235 33.89 9.19 -0.19
N LEU C 236 34.36 10.08 -1.05
CA LEU C 236 35.36 9.75 -2.06
C LEU C 236 36.64 9.22 -1.42
N ALA C 237 37.01 9.81 -0.30
CA ALA C 237 38.12 9.34 0.49
C ALA C 237 37.85 7.91 0.91
N PHE C 238 36.75 7.70 1.63
CA PHE C 238 36.38 6.40 2.19
C PHE C 238 36.22 5.33 1.11
N LEU C 239 35.44 5.64 0.08
CA LEU C 239 35.13 4.69 -0.99
C LEU C 239 36.36 4.28 -1.78
N TYR C 240 37.11 5.28 -2.21
CA TYR C 240 38.20 5.08 -3.14
C TYR C 240 39.58 4.97 -2.49
N GLY C 241 39.62 5.11 -1.16
CA GLY C 241 40.87 5.01 -0.42
C GLY C 241 41.88 6.07 -0.81
N ILE C 242 41.42 7.32 -0.85
CA ILE C 242 42.26 8.42 -1.29
C ILE C 242 42.93 9.16 -0.12
N PRO C 243 44.28 9.26 -0.18
CA PRO C 243 45.05 10.01 0.81
C PRO C 243 44.84 11.51 0.61
N PRO C 244 44.96 12.31 1.69
CA PRO C 244 44.61 13.73 1.62
C PRO C 244 45.42 14.50 0.59
N LEU C 245 46.71 14.20 0.50
CA LEU C 245 47.61 14.93 -0.40
C LEU C 245 47.23 14.75 -1.86
N GLU C 246 46.79 13.54 -2.22
CA GLU C 246 46.31 13.28 -3.57
C GLU C 246 44.97 13.97 -3.81
N MET C 247 44.10 13.96 -2.81
CA MET C 247 42.82 14.65 -2.90
C MET C 247 43.07 16.15 -3.04
N GLN C 248 44.04 16.65 -2.27
CA GLN C 248 44.48 18.04 -2.36
C GLN C 248 44.81 18.40 -3.81
N LYS C 249 45.34 17.44 -4.55
CA LYS C 249 45.68 17.63 -5.96
C LYS C 249 44.44 17.66 -6.87
N LEU C 250 43.53 16.72 -6.64
CA LEU C 250 42.30 16.66 -7.42
C LEU C 250 41.44 17.91 -7.22
N VAL C 251 41.33 18.34 -5.97
CA VAL C 251 40.53 19.52 -5.62
C VAL C 251 40.90 20.66 -6.54
N LEU C 252 42.19 20.98 -6.56
CA LEU C 252 42.70 22.08 -7.37
C LEU C 252 42.49 21.84 -8.87
N GLY C 253 42.18 20.60 -9.26
CA GLY C 253 42.06 20.27 -10.67
C GLY C 253 40.91 20.90 -11.43
N VAL C 254 39.69 20.63 -10.99
CA VAL C 254 38.51 21.18 -11.66
C VAL C 254 37.88 22.41 -10.98
N ILE C 255 38.54 22.95 -9.96
CA ILE C 255 38.01 24.08 -9.21
C ILE C 255 37.55 25.22 -10.12
N ASP C 256 36.34 25.73 -9.88
CA ASP C 256 35.81 26.83 -10.68
C ASP C 256 36.63 28.11 -10.46
N PRO C 257 37.11 28.70 -11.56
CA PRO C 257 37.90 29.93 -11.47
C PRO C 257 37.22 30.94 -10.54
N ALA C 258 35.90 30.78 -10.38
CA ALA C 258 35.07 31.58 -9.48
C ALA C 258 35.32 31.27 -7.99
N TYR C 259 36.21 30.32 -7.71
CA TYR C 259 36.56 29.98 -6.34
C TYR C 259 35.56 29.05 -5.62
N HIS C 260 34.82 28.25 -6.39
CA HIS C 260 33.91 27.25 -5.84
C HIS C 260 34.24 25.89 -6.37
N ILE C 261 33.41 24.89 -6.08
CA ILE C 261 33.67 23.54 -6.58
C ILE C 261 32.44 22.79 -7.06
N ASP C 262 32.58 22.10 -8.18
CA ASP C 262 31.52 21.23 -8.70
C ASP C 262 31.79 19.79 -8.23
N ILE C 263 30.92 19.32 -7.33
CA ILE C 263 31.03 18.00 -6.74
C ILE C 263 31.14 16.92 -7.80
N ASP C 264 30.28 17.02 -8.80
CA ASP C 264 30.24 16.05 -9.90
C ASP C 264 31.61 15.92 -10.55
N ALA C 265 32.14 17.04 -11.04
CA ALA C 265 33.45 17.00 -11.68
C ALA C 265 34.51 16.38 -10.76
N LEU C 266 34.44 16.71 -9.48
CA LEU C 266 35.35 16.15 -8.47
C LEU C 266 35.25 14.63 -8.36
N ARG C 267 34.01 14.15 -8.28
CA ARG C 267 33.72 12.72 -8.35
C ARG C 267 34.34 12.15 -9.63
N ARG C 268 33.99 12.78 -10.76
CA ARG C 268 34.46 12.35 -12.08
C ARG C 268 35.98 12.22 -12.13
N ALA C 269 36.66 13.05 -11.34
CA ALA C 269 38.12 13.03 -11.26
C ALA C 269 38.64 11.83 -10.47
N ALA C 270 38.06 11.60 -9.31
CA ALA C 270 38.43 10.47 -8.47
C ALA C 270 38.10 9.11 -9.11
N ARG C 271 36.97 9.03 -9.82
CA ARG C 271 36.63 7.80 -10.58
C ARG C 271 37.77 7.47 -11.53
N GLU C 272 38.33 8.52 -12.14
CA GLU C 272 39.47 8.40 -13.05
C GLU C 272 40.78 8.17 -12.28
N TRP C 273 40.94 8.86 -11.16
CA TRP C 273 42.10 8.68 -10.30
C TRP C 273 42.22 7.23 -9.82
N TYR C 274 41.13 6.69 -9.24
CA TYR C 274 41.13 5.34 -8.68
C TYR C 274 41.57 4.34 -9.73
N GLU C 275 41.08 4.55 -10.95
CA GLU C 275 41.39 3.72 -12.10
C GLU C 275 42.91 3.64 -12.27
N LEU C 276 43.51 4.78 -12.63
CA LEU C 276 44.93 4.86 -12.97
C LEU C 276 45.86 4.41 -11.83
N GLU C 277 45.42 4.60 -10.59
CA GLU C 277 46.20 4.11 -9.46
C GLU C 277 46.11 2.61 -9.21
N HIS C 278 44.88 2.09 -9.10
CA HIS C 278 44.70 0.68 -8.74
C HIS C 278 44.38 -0.33 -9.85
N GLY C 279 44.18 0.16 -11.07
CA GLY C 279 43.89 -0.70 -12.21
C GLY C 279 42.48 -1.28 -12.34
N GLY C 280 41.46 -0.42 -12.23
CA GLY C 280 40.07 -0.81 -12.45
C GLY C 280 39.53 -1.98 -11.62
N VAL C 281 40.04 -2.13 -10.39
CA VAL C 281 39.77 -3.31 -9.59
C VAL C 281 38.59 -3.21 -8.60
N GLU C 282 37.99 -2.02 -8.50
CA GLU C 282 36.73 -1.78 -7.76
C GLU C 282 36.83 -1.88 -6.24
N PRO C 283 36.01 -1.07 -5.52
CA PRO C 283 35.81 -1.22 -4.08
C PRO C 283 34.75 -2.25 -3.71
N ARG C 284 34.85 -2.79 -2.50
CA ARG C 284 33.92 -3.77 -2.00
C ARG C 284 33.57 -3.38 -0.57
N LEU C 285 32.31 -3.57 -0.19
CA LEU C 285 31.88 -3.23 1.15
C LEU C 285 31.97 -4.45 2.06
N VAL C 286 32.50 -4.24 3.26
CA VAL C 286 32.68 -5.31 4.22
C VAL C 286 32.35 -4.88 5.64
N GLU C 287 31.98 -5.87 6.47
CA GLU C 287 31.75 -5.64 7.88
C GLU C 287 33.08 -5.32 8.55
N ARG C 288 33.00 -4.73 9.73
CA ARG C 288 34.21 -4.32 10.43
C ARG C 288 34.22 -4.77 11.89
N LYS D 6 26.41 -6.50 27.12
CA LYS D 6 26.49 -5.41 28.10
C LYS D 6 26.09 -4.08 27.47
N GLU D 7 26.30 -3.98 26.16
CA GLU D 7 25.72 -2.89 25.37
C GLU D 7 24.21 -3.13 25.23
N LEU D 8 23.81 -4.40 25.26
CA LEU D 8 22.40 -4.77 25.26
C LEU D 8 22.06 -6.00 26.12
N ILE D 9 21.02 -5.85 26.94
CA ILE D 9 20.55 -6.89 27.86
C ILE D 9 19.10 -7.21 27.50
N ALA D 10 18.75 -8.50 27.46
CA ALA D 10 17.40 -8.92 27.04
C ALA D 10 16.29 -8.26 27.85
N VAL D 11 16.63 -7.75 29.03
CA VAL D 11 15.65 -7.13 29.90
C VAL D 11 15.59 -5.61 29.72
N ASP D 12 16.48 -5.07 28.87
CA ASP D 12 16.43 -3.65 28.56
C ASP D 12 15.13 -3.32 27.81
N ARG D 13 14.70 -2.07 27.88
CA ARG D 13 13.38 -1.68 27.35
C ARG D 13 13.52 -0.78 26.13
N TYR D 14 12.49 -0.78 25.28
CA TYR D 14 12.52 0.02 24.06
C TYR D 14 11.14 0.48 23.65
N THR D 15 11.15 1.54 22.85
CA THR D 15 9.97 2.06 22.17
C THR D 15 10.38 2.40 20.73
N VAL D 16 9.48 2.17 19.78
CA VAL D 16 9.78 2.34 18.36
C VAL D 16 8.90 3.47 17.88
N GLN D 17 9.52 4.51 17.32
CA GLN D 17 8.78 5.64 16.75
C GLN D 17 9.31 5.97 15.38
N SER D 18 8.50 6.65 14.59
CA SER D 18 8.96 7.19 13.33
C SER D 18 8.24 8.50 13.04
N ARG D 19 9.01 9.52 12.71
CA ARG D 19 8.42 10.82 12.40
C ARG D 19 8.10 10.87 10.91
N GLY D 20 8.15 9.64 10.22
CA GLY D 20 7.87 9.49 8.82
C GLY D 20 7.15 8.17 8.67
N VAL D 21 6.59 7.94 7.49
CA VAL D 21 5.79 6.74 7.26
C VAL D 21 6.58 5.77 6.41
N LEU D 22 6.25 4.48 6.51
CA LEU D 22 6.98 3.50 5.76
C LEU D 22 6.03 2.91 4.71
N GLN D 23 6.36 3.05 3.43
CA GLN D 23 5.44 2.71 2.34
C GLN D 23 5.98 1.67 1.35
N GLU D 24 5.23 1.39 0.28
CA GLU D 24 5.56 0.23 -0.53
C GLU D 24 6.65 0.41 -1.57
N VAL D 25 6.98 1.67 -1.87
CA VAL D 25 8.06 1.99 -2.79
C VAL D 25 9.39 1.79 -2.07
N ASP D 26 9.38 1.99 -0.76
CA ASP D 26 10.56 1.78 0.06
C ASP D 26 10.76 0.29 0.31
N ARG D 27 9.68 -0.40 0.64
CA ARG D 27 9.72 -1.84 0.85
C ARG D 27 10.54 -2.48 -0.26
N LYS D 28 10.24 -2.10 -1.50
CA LYS D 28 10.99 -2.58 -2.64
C LYS D 28 12.44 -2.10 -2.56
N VAL D 29 12.69 -0.83 -2.28
CA VAL D 29 14.08 -0.43 -2.23
C VAL D 29 14.80 -1.06 -1.05
N LEU D 30 14.07 -1.56 -0.06
CA LEU D 30 14.73 -2.27 1.03
C LEU D 30 15.17 -3.65 0.60
N THR D 31 14.30 -4.28 -0.16
CA THR D 31 14.51 -5.64 -0.54
C THR D 31 15.49 -5.73 -1.70
N LEU D 32 15.38 -4.79 -2.64
CA LEU D 32 16.20 -4.82 -3.84
C LEU D 32 17.51 -3.99 -3.82
N LEU D 33 17.66 -3.07 -2.87
CA LEU D 33 18.80 -2.14 -2.93
C LEU D 33 19.62 -2.21 -1.66
N TYR D 34 18.98 -1.93 -0.52
CA TYR D 34 19.64 -2.04 0.75
C TYR D 34 20.00 -3.48 1.12
N GLN D 35 19.15 -4.41 0.70
CA GLN D 35 19.36 -5.83 1.01
C GLN D 35 20.80 -6.26 0.73
N PRO D 36 21.22 -6.12 -0.52
CA PRO D 36 22.57 -6.54 -0.94
C PRO D 36 23.66 -5.97 -0.05
N LEU D 37 23.41 -4.82 0.57
CA LEU D 37 24.41 -4.17 1.42
C LEU D 37 24.38 -4.58 2.90
N ILE D 38 23.19 -4.71 3.49
CA ILE D 38 23.07 -5.04 4.91
C ILE D 38 22.72 -6.50 5.20
N GLY D 39 22.41 -7.25 4.15
CA GLY D 39 22.06 -8.66 4.29
C GLY D 39 20.64 -8.95 4.78
N CYS D 40 20.22 -10.20 4.64
CA CYS D 40 18.82 -10.55 4.80
C CYS D 40 18.30 -10.50 6.25
N ARG D 41 19.15 -10.86 7.21
CA ARG D 41 18.75 -10.79 8.62
C ARG D 41 18.49 -9.35 9.06
N ALA D 42 19.13 -8.39 8.41
CA ALA D 42 18.92 -6.99 8.78
C ALA D 42 17.56 -6.54 8.26
N LEU D 43 17.17 -7.06 7.11
CA LEU D 43 15.89 -6.73 6.50
C LEU D 43 14.76 -7.15 7.42
N ALA D 44 14.90 -8.33 8.02
CA ALA D 44 13.89 -8.83 8.95
C ALA D 44 13.83 -7.95 10.19
N LEU D 45 14.99 -7.51 10.66
CA LEU D 45 15.06 -6.62 11.81
C LEU D 45 14.37 -5.28 11.54
N TYR D 46 14.39 -4.84 10.29
CA TYR D 46 13.78 -3.59 9.92
C TYR D 46 12.28 -3.78 9.72
N MET D 47 11.90 -4.89 9.09
CA MET D 47 10.50 -5.20 8.91
C MET D 47 9.76 -5.42 10.25
N THR D 48 10.42 -6.06 11.21
CA THR D 48 9.73 -6.34 12.45
C THR D 48 9.58 -5.05 13.24
N LEU D 49 10.59 -4.18 13.18
CA LEU D 49 10.50 -2.90 13.87
C LEU D 49 9.33 -2.08 13.30
N TRP D 50 9.21 -2.13 11.99
CA TRP D 50 8.14 -1.51 11.25
C TRP D 50 6.82 -2.06 11.78
N GLY D 51 6.79 -3.36 12.08
CA GLY D 51 5.62 -3.98 12.65
C GLY D 51 5.36 -3.48 14.06
N GLU D 52 6.39 -3.50 14.90
CA GLU D 52 6.26 -3.08 16.29
C GLU D 52 5.80 -1.63 16.39
N LEU D 53 6.08 -0.86 15.35
CA LEU D 53 5.68 0.54 15.36
C LEU D 53 4.19 0.62 15.55
N GLU D 54 3.45 -0.10 14.71
CA GLU D 54 2.00 -0.12 14.79
C GLU D 54 1.46 -0.89 15.99
N LEU D 55 2.13 -1.97 16.37
CA LEU D 55 1.62 -2.90 17.36
C LEU D 55 1.66 -2.30 18.77
N LEU D 56 2.59 -1.39 19.01
CA LEU D 56 2.51 -0.57 20.21
C LEU D 56 2.51 0.90 19.81
N ASP D 57 1.46 1.65 20.11
CA ASP D 57 1.51 3.05 19.72
C ASP D 57 2.27 3.62 20.86
N GLY D 58 3.55 3.89 20.66
CA GLY D 58 4.35 4.54 21.68
C GLY D 58 4.49 3.77 22.98
N GLN D 59 3.85 2.60 23.05
CA GLN D 59 3.89 1.79 24.24
C GLN D 59 5.27 1.19 24.41
N GLU D 60 5.57 0.73 25.62
CA GLU D 60 6.89 0.29 25.97
C GLU D 60 6.96 -1.23 26.01
N ALA D 61 8.11 -1.78 25.62
CA ALA D 61 8.29 -3.22 25.61
C ALA D 61 9.70 -3.59 26.03
N THR D 62 9.87 -4.88 26.35
CA THR D 62 11.16 -5.43 26.71
C THR D 62 11.70 -6.25 25.54
N HIS D 63 13.02 -6.34 25.40
CA HIS D 63 13.61 -7.00 24.25
C HIS D 63 13.24 -8.48 24.10
N HIS D 64 12.62 -9.07 25.11
CA HIS D 64 12.20 -10.46 25.00
C HIS D 64 11.21 -10.58 23.84
N ARG D 65 10.33 -9.61 23.75
CA ARG D 65 9.31 -9.52 22.71
C ARG D 65 9.97 -9.59 21.34
N LEU D 66 11.02 -8.80 21.13
CA LEU D 66 11.73 -8.81 19.86
C LEU D 66 12.26 -10.19 19.59
N MET D 67 12.94 -10.75 20.59
CA MET D 67 13.47 -12.10 20.53
C MET D 67 12.36 -13.08 20.18
N ALA D 68 11.16 -12.85 20.74
CA ALA D 68 10.04 -13.76 20.53
C ALA D 68 9.38 -13.58 19.16
N LEU D 69 9.24 -12.34 18.75
CA LEU D 69 8.70 -12.05 17.44
C LEU D 69 9.54 -12.62 16.28
N MET D 70 10.86 -12.54 16.38
CA MET D 70 11.74 -12.97 15.30
C MET D 70 12.43 -14.31 15.54
N GLN D 71 12.01 -15.02 16.59
CA GLN D 71 12.58 -16.36 16.90
C GLN D 71 14.10 -16.41 16.77
N CYS D 72 14.77 -15.37 17.29
CA CYS D 72 16.21 -15.25 17.23
C CYS D 72 16.78 -14.97 18.62
N GLY D 73 18.07 -15.21 18.80
CA GLY D 73 18.71 -14.86 20.06
C GLY D 73 19.24 -13.43 20.05
N LEU D 74 19.26 -12.79 21.22
CA LEU D 74 19.62 -11.37 21.35
C LEU D 74 20.92 -10.90 20.65
N PRO D 75 22.01 -11.68 20.75
CA PRO D 75 23.23 -11.20 20.07
C PRO D 75 23.07 -10.91 18.57
N ASP D 76 22.42 -11.81 17.83
CA ASP D 76 22.21 -11.60 16.41
C ASP D 76 21.47 -10.28 16.19
N ILE D 77 20.36 -10.12 16.90
CA ILE D 77 19.59 -8.89 16.87
C ILE D 77 20.48 -7.66 16.99
N TYR D 78 21.35 -7.63 17.98
CA TYR D 78 22.22 -6.47 18.16
C TYR D 78 23.11 -6.21 16.93
N SER D 79 23.79 -7.25 16.45
CA SER D 79 24.71 -7.09 15.33
C SER D 79 24.01 -6.54 14.08
N GLU D 80 22.80 -7.00 13.83
CA GLU D 80 22.05 -6.51 12.69
C GLU D 80 21.48 -5.10 12.93
N ARG D 81 21.12 -4.79 14.17
CA ARG D 81 20.68 -3.45 14.51
C ARG D 81 21.73 -2.45 14.06
N LEU D 82 22.96 -2.66 14.51
CA LEU D 82 24.09 -1.83 14.15
C LEU D 82 24.18 -1.58 12.68
N LYS D 83 23.96 -2.60 11.87
CA LYS D 83 23.98 -2.42 10.43
C LYS D 83 22.91 -1.44 9.98
N LEU D 84 21.70 -1.65 10.47
CA LEU D 84 20.58 -0.74 10.20
C LEU D 84 20.94 0.71 10.56
N GLU D 85 21.53 0.92 11.75
CA GLU D 85 22.03 2.24 12.14
C GLU D 85 23.07 2.78 11.15
N GLY D 86 24.12 2.01 10.90
CA GLY D 86 25.17 2.43 10.01
C GLY D 86 24.65 2.94 8.69
N ILE D 87 23.76 2.19 8.07
CA ILE D 87 23.31 2.56 6.73
C ILE D 87 22.18 3.60 6.73
N GLY D 88 21.82 4.08 7.92
CA GLY D 88 20.93 5.22 8.06
C GLY D 88 19.45 4.89 8.15
N LEU D 89 19.12 3.64 8.43
CA LEU D 89 17.73 3.25 8.54
C LEU D 89 17.26 3.41 9.97
N LEU D 90 18.22 3.57 10.87
CA LEU D 90 17.88 3.59 12.27
C LEU D 90 18.68 4.61 13.03
N ASP D 91 17.97 5.47 13.76
CA ASP D 91 18.55 6.32 14.77
C ASP D 91 18.21 5.65 16.09
N THR D 92 19.20 5.47 16.94
CA THR D 92 18.98 4.84 18.24
C THR D 92 19.31 5.84 19.33
N TYR D 93 18.38 6.02 20.26
CA TYR D 93 18.59 6.92 21.36
C TYR D 93 18.56 6.10 22.64
N VAL D 94 19.05 6.67 23.74
CA VAL D 94 18.98 6.06 25.06
C VAL D 94 18.45 7.09 26.05
N HIS D 95 17.61 6.65 26.98
CA HIS D 95 17.10 7.53 28.02
C HIS D 95 18.19 7.74 29.08
N ALA D 96 18.13 8.89 29.76
CA ALA D 96 19.02 9.17 30.89
C ALA D 96 18.89 8.04 31.90
N LYS D 97 20.02 7.44 32.28
CA LYS D 97 19.95 6.17 33.01
C LYS D 97 19.60 6.36 34.48
N GLU D 98 18.38 5.77 34.84
CA GLU D 98 17.91 5.73 36.22
C GLU D 98 17.29 4.36 36.52
N ALA D 99 17.82 3.76 37.66
CA ALA D 99 18.86 4.27 38.53
C ALA D 99 20.05 3.31 38.49
N ASP D 100 19.78 2.07 38.88
CA ASP D 100 20.80 1.02 38.86
C ASP D 100 20.51 0.10 37.68
N GLU D 101 20.20 0.72 36.55
CA GLU D 101 19.80 -0.01 35.32
C GLU D 101 18.41 -0.67 35.56
N PRO D 102 17.71 -1.15 34.52
CA PRO D 102 18.06 -1.37 33.12
C PRO D 102 17.79 -0.17 32.21
N LYS D 103 18.27 -0.26 30.97
CA LYS D 103 18.26 0.85 30.04
C LYS D 103 16.89 1.05 29.38
N LEU D 104 16.62 2.27 28.90
CA LEU D 104 15.46 2.49 28.03
C LEU D 104 15.92 2.99 26.67
N PHE D 105 15.41 2.37 25.62
CA PHE D 105 15.87 2.69 24.28
C PHE D 105 14.78 3.35 23.45
N LEU D 106 15.19 4.16 22.48
CA LEU D 106 14.24 4.70 21.51
C LEU D 106 14.72 4.33 20.12
N TYR D 107 13.91 3.57 19.39
CA TYR D 107 14.27 3.25 18.02
C TYR D 107 13.50 4.13 17.06
N GLU D 108 14.20 5.07 16.45
CA GLU D 108 13.57 5.96 15.48
C GLU D 108 13.78 5.35 14.10
N LEU D 109 12.68 4.93 13.48
CA LEU D 109 12.73 4.34 12.16
C LEU D 109 12.84 5.42 11.09
N ARG D 110 13.81 5.26 10.20
CA ARG D 110 14.03 6.23 9.13
C ARG D 110 13.86 5.56 7.77
N PRO D 111 12.86 5.98 7.01
CA PRO D 111 12.58 5.37 5.71
C PRO D 111 13.82 5.40 4.84
N PRO D 112 13.96 4.43 3.94
CA PRO D 112 15.14 4.38 3.05
C PRO D 112 15.25 5.63 2.17
N LEU D 113 16.24 5.67 1.30
CA LEU D 113 16.31 6.73 0.31
C LEU D 113 15.26 6.46 -0.73
N ALA D 114 14.96 7.46 -1.53
CA ALA D 114 14.19 7.25 -2.74
C ALA D 114 15.17 6.70 -3.75
N PRO D 115 14.65 5.94 -4.73
CA PRO D 115 15.53 5.34 -5.73
C PRO D 115 16.49 6.33 -6.36
N ASP D 116 16.03 7.54 -6.72
CA ASP D 116 16.92 8.52 -7.33
C ASP D 116 18.09 8.95 -6.42
N GLN D 117 17.80 9.17 -5.13
CA GLN D 117 18.84 9.56 -4.15
C GLN D 117 19.89 8.47 -3.93
N PHE D 118 19.46 7.21 -4.04
CA PHE D 118 20.30 6.06 -3.77
C PHE D 118 21.33 5.93 -4.90
N PHE D 119 20.85 5.91 -6.14
CA PHE D 119 21.75 5.78 -7.28
C PHE D 119 22.66 7.00 -7.48
N ARG D 120 22.28 8.13 -6.89
CA ARG D 120 23.03 9.38 -6.97
C ARG D 120 24.04 9.48 -5.82
N ASP D 121 23.91 8.61 -4.83
CA ASP D 121 24.94 8.52 -3.80
C ASP D 121 26.13 7.78 -4.39
N GLU D 122 27.31 8.35 -4.18
CA GLU D 122 28.54 7.78 -4.68
C GLU D 122 28.78 6.36 -4.14
N MET D 123 29.03 6.21 -2.84
CA MET D 123 29.40 4.92 -2.26
C MET D 123 28.35 3.83 -2.47
N LEU D 124 27.13 4.08 -2.00
CA LEU D 124 26.08 3.07 -1.99
C LEU D 124 25.84 2.48 -3.37
N SER D 125 25.91 3.33 -4.38
CA SER D 125 25.67 2.91 -5.74
C SER D 125 26.81 2.00 -6.28
N VAL D 126 28.05 2.33 -5.93
CA VAL D 126 29.19 1.51 -6.31
C VAL D 126 29.17 0.19 -5.55
N PHE D 127 29.14 0.29 -4.23
CA PHE D 127 29.06 -0.87 -3.35
C PHE D 127 28.00 -1.84 -3.86
N LEU D 128 26.84 -1.31 -4.27
CA LEU D 128 25.78 -2.16 -4.76
C LEU D 128 26.18 -2.93 -6.00
N ARG D 129 26.77 -2.22 -6.98
CA ARG D 129 27.16 -2.88 -8.22
C ARG D 129 28.13 -4.03 -7.97
N ARG D 130 28.99 -3.84 -6.98
CA ARG D 130 29.91 -4.88 -6.60
C ARG D 130 29.17 -6.15 -6.16
N GLN D 131 28.32 -6.01 -5.14
CA GLN D 131 27.59 -7.12 -4.56
C GLN D 131 26.66 -7.83 -5.52
N VAL D 132 25.89 -7.07 -6.29
CA VAL D 132 24.93 -7.68 -7.23
C VAL D 132 25.49 -8.12 -8.58
N GLY D 133 26.50 -7.42 -9.06
CA GLY D 133 27.06 -7.73 -10.37
C GLY D 133 26.43 -6.87 -11.45
N ARG D 134 27.17 -6.69 -12.55
CA ARG D 134 26.81 -5.71 -13.58
C ARG D 134 25.40 -5.93 -14.12
N HIS D 135 25.14 -7.13 -14.61
CA HIS D 135 23.89 -7.42 -15.28
C HIS D 135 22.68 -7.03 -14.40
N LEU D 136 22.62 -7.63 -13.22
CA LEU D 136 21.58 -7.34 -12.24
C LEU D 136 21.55 -5.85 -11.84
N PHE D 137 22.70 -5.27 -11.55
CA PHE D 137 22.74 -3.85 -11.22
C PHE D 137 22.05 -2.99 -12.29
N ILE D 138 22.21 -3.37 -13.54
CA ILE D 138 21.49 -2.72 -14.62
C ILE D 138 19.96 -2.92 -14.50
N GLN D 139 19.52 -4.18 -14.40
CA GLN D 139 18.10 -4.48 -14.25
C GLN D 139 17.46 -3.71 -13.08
N LEU D 140 18.21 -3.55 -12.00
CA LEU D 140 17.73 -2.84 -10.82
C LEU D 140 17.56 -1.37 -11.10
N SER D 141 18.41 -0.81 -11.93
CA SER D 141 18.35 0.61 -12.20
C SER D 141 17.16 0.93 -13.08
N ASN D 142 16.94 0.09 -14.09
CA ASN D 142 15.80 0.25 -15.00
C ASN D 142 14.45 0.09 -14.31
N PHE D 143 14.42 -0.81 -13.32
CA PHE D 143 13.24 -1.12 -12.55
C PHE D 143 12.78 0.12 -11.80
N PHE D 144 13.74 0.84 -11.24
CA PHE D 144 13.46 2.05 -10.50
C PHE D 144 13.47 3.30 -11.38
N ALA D 145 13.53 3.09 -12.69
CA ALA D 145 13.48 4.22 -13.61
C ALA D 145 12.24 4.19 -14.48
N ARG D 146 11.79 5.38 -14.89
CA ARG D 146 10.73 5.51 -15.89
C ARG D 146 11.25 6.37 -17.04
N PRO D 147 10.68 6.19 -18.24
CA PRO D 147 11.04 7.02 -19.39
C PRO D 147 10.97 8.51 -19.05
N SER D 148 11.90 9.27 -19.63
CA SER D 148 11.97 10.70 -19.37
C SER D 148 11.06 11.47 -20.31
N ILE D 149 10.87 12.75 -19.99
CA ILE D 149 10.02 13.64 -20.79
C ILE D 149 10.86 14.32 -21.86
N ASP D 150 10.37 14.37 -23.09
CA ASP D 150 11.06 15.11 -24.14
C ASP D 150 10.51 16.54 -24.17
N GLU D 151 11.30 17.52 -23.73
CA GLU D 151 10.85 18.91 -23.59
C GLU D 151 11.02 19.64 -24.92
N THR D 152 11.59 18.89 -25.94
CA THR D 152 11.72 19.39 -27.29
C THR D 152 10.36 19.39 -27.98
N LYS D 153 9.66 18.27 -27.89
CA LYS D 153 8.36 18.11 -28.54
C LYS D 153 7.24 18.75 -27.73
N PHE D 154 7.49 18.98 -26.44
CA PHE D 154 6.44 19.30 -25.49
C PHE D 154 6.54 20.67 -24.81
N THR D 155 5.45 21.42 -24.89
CA THR D 155 5.35 22.72 -24.24
C THR D 155 4.38 22.63 -23.07
N GLN D 156 4.73 23.26 -21.95
CA GLN D 156 3.90 23.17 -20.75
C GLN D 156 2.86 24.30 -20.75
N VAL D 157 1.60 23.90 -20.97
CA VAL D 157 0.44 24.80 -20.91
C VAL D 157 -0.31 24.79 -19.57
N THR D 158 0.25 24.12 -18.56
CA THR D 158 -0.41 23.98 -17.25
C THR D 158 -0.89 25.31 -16.68
N ARG D 159 -2.15 25.39 -16.31
CA ARG D 159 -2.69 26.59 -15.66
C ARG D 159 -2.13 26.73 -14.27
N SER D 160 -2.10 27.96 -13.77
CA SER D 160 -1.58 28.23 -12.44
C SER D 160 -2.68 28.31 -11.39
N PHE D 161 -2.28 28.49 -10.14
CA PHE D 161 -3.23 28.52 -9.04
C PHE D 161 -4.15 29.72 -9.16
N SER D 162 -3.60 30.82 -9.63
CA SER D 162 -4.33 32.09 -9.70
C SER D 162 -5.30 32.14 -10.91
N ASP D 163 -5.08 31.27 -11.89
CA ASP D 163 -5.96 31.22 -13.06
C ASP D 163 -7.25 30.46 -12.73
N VAL D 164 -7.11 29.45 -11.89
CA VAL D 164 -8.24 28.63 -11.46
C VAL D 164 -9.02 29.18 -10.27
N PHE D 165 -8.30 29.73 -9.28
CA PHE D 165 -8.92 30.11 -8.01
C PHE D 165 -8.79 31.60 -7.67
N SER D 166 -9.61 32.03 -6.72
CA SER D 166 -9.51 33.37 -6.17
C SER D 166 -9.78 33.28 -4.68
N ALA D 167 -9.28 34.26 -3.94
CA ALA D 167 -9.54 34.29 -2.51
C ALA D 167 -10.50 35.42 -2.20
N VAL D 168 -11.71 35.04 -1.79
CA VAL D 168 -12.71 36.01 -1.41
C VAL D 168 -13.17 35.73 0.02
N PRO D 169 -13.44 36.77 0.79
CA PRO D 169 -14.02 36.56 2.12
C PRO D 169 -15.51 36.25 1.98
N ALA D 170 -16.08 35.46 2.89
CA ALA D 170 -17.51 35.21 2.91
C ALA D 170 -17.97 35.29 4.36
N GLU D 171 -19.24 34.99 4.60
CA GLU D 171 -19.81 35.11 5.95
C GLU D 171 -20.15 33.77 6.58
N ASP D 190 15.11 8.17 -16.77
CA ASP D 190 15.56 8.70 -15.47
C ASP D 190 14.79 8.12 -14.25
N HIS D 191 15.43 8.15 -13.13
CA HIS D 191 14.94 7.43 -11.97
C HIS D 191 13.73 7.99 -11.26
N ILE D 192 13.03 7.09 -10.56
CA ILE D 192 11.90 7.42 -9.67
C ILE D 192 12.36 8.29 -8.50
N ARG D 193 11.65 9.40 -8.28
CA ARG D 193 11.89 10.30 -7.15
C ARG D 193 10.56 10.86 -6.72
N ARG D 194 10.49 11.42 -5.51
CA ARG D 194 9.29 12.13 -5.12
C ARG D 194 9.50 13.63 -5.37
N ASP D 195 8.78 14.13 -6.37
CA ASP D 195 8.83 15.55 -6.68
C ASP D 195 7.70 16.23 -5.92
N GLU D 196 8.10 17.01 -4.90
CA GLU D 196 7.16 17.76 -4.07
C GLU D 196 6.38 18.73 -4.96
N ALA D 197 5.05 18.66 -4.87
CA ALA D 197 4.18 19.47 -5.73
C ALA D 197 4.11 20.95 -5.31
N SER D 198 4.53 21.83 -6.19
CA SER D 198 4.49 23.24 -5.85
C SER D 198 3.56 23.95 -6.80
N TYR D 199 2.41 24.40 -6.29
CA TYR D 199 1.51 25.19 -7.12
C TYR D 199 2.21 26.51 -7.36
N VAL D 200 2.07 27.07 -8.56
CA VAL D 200 2.72 28.33 -8.90
C VAL D 200 1.74 29.50 -8.73
N LEU D 201 2.20 30.57 -8.07
CA LEU D 201 1.35 31.73 -7.77
C LEU D 201 1.63 32.90 -8.70
N ASP D 202 2.15 32.58 -9.88
CA ASP D 202 2.47 33.57 -10.91
C ASP D 202 3.14 34.81 -10.29
N ASP D 203 2.89 35.97 -10.88
CA ASP D 203 3.60 37.20 -10.54
C ASP D 203 2.64 38.37 -10.38
N GLY D 204 1.93 38.68 -11.47
CA GLY D 204 1.10 39.86 -11.57
C GLY D 204 -0.03 39.93 -10.56
N VAL D 205 -0.17 38.88 -9.74
CA VAL D 205 -1.00 38.90 -8.55
C VAL D 205 -0.49 39.95 -7.55
N PHE D 206 0.81 40.24 -7.61
CA PHE D 206 1.43 41.24 -6.75
C PHE D 206 2.52 42.02 -7.49
N ASP D 207 2.48 43.35 -7.40
CA ASP D 207 3.50 44.18 -8.06
C ASP D 207 4.61 44.60 -7.10
N PHE D 208 5.84 44.22 -7.39
CA PHE D 208 6.97 44.55 -6.53
C PHE D 208 7.57 45.95 -6.71
N GLU D 209 7.67 46.41 -7.96
CA GLU D 209 8.22 47.74 -8.21
C GLU D 209 7.32 48.80 -7.57
N LEU D 210 6.00 48.58 -7.60
CA LEU D 210 5.04 49.44 -6.92
C LEU D 210 5.21 49.26 -5.41
N PHE D 211 5.57 48.05 -4.99
CA PHE D 211 5.85 47.76 -3.59
C PHE D 211 7.13 48.44 -3.15
N PHE D 212 8.04 48.66 -4.11
CA PHE D 212 9.33 49.26 -3.81
C PHE D 212 9.37 50.77 -4.06
N ALA D 213 8.24 51.34 -4.51
CA ALA D 213 8.13 52.78 -4.80
C ALA D 213 8.46 53.66 -3.58
N GLY D 214 7.59 53.65 -2.59
CA GLY D 214 7.83 54.38 -1.37
C GLY D 214 8.66 53.58 -0.37
N LEU D 215 9.32 52.52 -0.86
CA LEU D 215 10.04 51.58 0.02
C LEU D 215 11.55 51.47 -0.21
N SER D 216 11.97 51.06 -1.41
CA SER D 216 13.37 50.71 -1.70
C SER D 216 14.43 51.74 -1.27
N LYS D 217 14.02 53.00 -1.13
CA LYS D 217 14.92 54.06 -0.69
C LYS D 217 15.22 53.99 0.82
N GLN D 218 14.47 53.15 1.53
CA GLN D 218 14.61 52.98 2.97
C GLN D 218 15.95 52.32 3.34
N LEU D 219 16.69 51.93 2.30
CA LEU D 219 17.93 51.18 2.44
C LEU D 219 17.65 49.83 3.12
N VAL D 220 16.39 49.39 3.01
CA VAL D 220 16.08 47.97 3.13
C VAL D 220 15.91 47.56 1.67
N PRO D 221 16.99 47.02 1.13
CA PRO D 221 17.15 46.88 -0.32
C PRO D 221 16.77 45.51 -0.87
N ARG D 222 16.67 45.50 -2.19
CA ARG D 222 16.36 44.30 -2.98
C ARG D 222 17.21 43.12 -2.48
N ARG D 223 18.39 43.48 -1.98
CA ARG D 223 19.36 42.53 -1.40
C ARG D 223 18.84 41.81 -0.16
N ALA D 224 18.27 42.56 0.79
CA ALA D 224 17.79 42.01 2.05
C ALA D 224 16.72 40.94 1.85
N VAL D 225 15.66 41.27 1.11
CA VAL D 225 14.57 40.34 0.84
C VAL D 225 14.99 39.17 -0.06
N THR D 226 14.74 37.95 0.41
CA THR D 226 15.16 36.74 -0.27
C THR D 226 14.27 36.49 -1.50
N ALA D 227 14.57 35.42 -2.25
CA ALA D 227 13.66 34.99 -3.32
C ALA D 227 12.54 34.15 -2.72
N LYS D 228 12.85 33.50 -1.60
CA LYS D 228 11.88 32.72 -0.80
C LYS D 228 10.86 33.62 -0.10
N VAL D 229 11.33 34.72 0.49
CA VAL D 229 10.45 35.70 1.13
C VAL D 229 9.61 36.45 0.08
N LYS D 230 10.18 36.64 -1.11
CA LYS D 230 9.46 37.21 -2.26
C LYS D 230 8.17 36.41 -2.52
N GLU D 231 8.31 35.10 -2.65
CA GLU D 231 7.17 34.23 -2.83
C GLU D 231 6.32 34.12 -1.56
N ALA D 232 6.96 34.25 -0.40
CA ALA D 232 6.23 34.24 0.86
C ALA D 232 5.15 35.33 0.89
N ILE D 233 5.58 36.59 0.88
CA ILE D 233 4.64 37.71 0.87
C ILE D 233 3.64 37.58 -0.29
N LYS D 234 4.11 37.09 -1.42
CA LYS D 234 3.25 36.91 -2.60
C LYS D 234 2.01 36.11 -2.24
N LYS D 235 2.19 35.13 -1.36
CA LYS D 235 1.08 34.28 -0.90
C LYS D 235 0.06 35.00 -0.04
N LEU D 236 0.51 35.68 1.02
CA LEU D 236 -0.39 36.40 1.92
C LEU D 236 -1.10 37.54 1.18
N ALA D 237 -0.45 38.06 0.15
CA ALA D 237 -1.07 39.01 -0.76
C ALA D 237 -2.32 38.41 -1.39
N PHE D 238 -2.16 37.27 -2.05
CA PHE D 238 -3.27 36.56 -2.67
C PHE D 238 -4.30 36.16 -1.62
N LEU D 239 -3.84 35.43 -0.62
CA LEU D 239 -4.67 34.88 0.44
C LEU D 239 -5.51 35.94 1.13
N TYR D 240 -4.83 36.97 1.63
CA TYR D 240 -5.44 37.98 2.48
C TYR D 240 -5.90 39.25 1.73
N GLY D 241 -5.71 39.29 0.41
CA GLY D 241 -6.12 40.44 -0.37
C GLY D 241 -5.38 41.71 -0.01
N ILE D 242 -4.07 41.68 -0.12
CA ILE D 242 -3.26 42.83 0.26
C ILE D 242 -2.76 43.62 -0.94
N PRO D 243 -3.12 44.92 -1.00
CA PRO D 243 -2.47 45.88 -1.88
C PRO D 243 -1.08 46.19 -1.33
N PRO D 244 -0.08 46.31 -2.22
CA PRO D 244 1.34 46.48 -1.88
C PRO D 244 1.59 47.61 -0.88
N LEU D 245 0.82 48.69 -1.01
CA LEU D 245 0.91 49.85 -0.13
C LEU D 245 0.68 49.48 1.34
N GLU D 246 -0.23 48.55 1.55
CA GLU D 246 -0.57 48.10 2.90
C GLU D 246 0.51 47.19 3.50
N MET D 247 1.10 46.34 2.67
CA MET D 247 2.10 45.41 3.18
C MET D 247 3.49 46.00 3.33
N GLN D 248 3.72 47.16 2.73
CA GLN D 248 4.89 47.96 3.07
C GLN D 248 4.89 48.16 4.60
N LYS D 249 3.76 48.63 5.11
CA LYS D 249 3.59 48.94 6.53
C LYS D 249 3.60 47.69 7.44
N LEU D 250 3.32 46.52 6.87
CA LEU D 250 3.42 45.26 7.60
C LEU D 250 4.85 44.75 7.69
N VAL D 251 5.58 44.87 6.57
CA VAL D 251 7.01 44.53 6.51
C VAL D 251 7.81 45.46 7.41
N LEU D 252 7.65 46.76 7.21
CA LEU D 252 8.32 47.78 8.01
C LEU D 252 7.96 47.68 9.50
N GLY D 253 6.82 47.08 9.80
CA GLY D 253 6.40 46.91 11.18
C GLY D 253 7.12 45.79 11.89
N VAL D 254 7.24 44.64 11.23
CA VAL D 254 7.85 43.46 11.84
C VAL D 254 9.37 43.29 11.65
N ILE D 255 9.97 44.06 10.74
CA ILE D 255 11.42 43.97 10.52
C ILE D 255 12.20 44.68 11.62
N ASP D 256 13.25 44.04 12.15
CA ASP D 256 14.10 44.65 13.17
C ASP D 256 15.23 45.50 12.57
N PRO D 257 15.85 46.39 13.37
CA PRO D 257 17.03 47.14 12.90
C PRO D 257 18.15 46.21 12.40
N ALA D 258 18.20 45.00 12.95
CA ALA D 258 19.14 43.96 12.53
C ALA D 258 18.90 43.46 11.11
N TYR D 259 17.81 43.93 10.48
CA TYR D 259 17.39 43.55 9.13
C TYR D 259 16.95 42.08 9.00
N HIS D 260 16.28 41.59 10.04
CA HIS D 260 15.68 40.25 10.01
C HIS D 260 14.35 40.30 9.27
N ILE D 261 14.19 39.42 8.28
CA ILE D 261 12.88 39.21 7.68
C ILE D 261 12.40 37.85 8.14
N ASP D 262 11.43 37.84 9.04
CA ASP D 262 10.93 36.59 9.59
C ASP D 262 9.55 36.26 9.05
N ILE D 263 9.41 35.06 8.50
CA ILE D 263 8.14 34.62 7.93
C ILE D 263 7.06 34.51 9.02
N ASP D 264 7.43 34.00 10.19
CA ASP D 264 6.51 33.80 11.30
C ASP D 264 5.70 35.05 11.68
N ALA D 265 6.41 36.15 11.95
CA ALA D 265 5.77 37.41 12.37
C ALA D 265 4.94 38.04 11.27
N LEU D 266 5.54 38.13 10.09
CA LEU D 266 4.89 38.68 8.90
C LEU D 266 3.53 38.02 8.65
N ARG D 267 3.41 36.73 8.96
CA ARG D 267 2.12 36.03 8.92
C ARG D 267 1.12 36.73 9.83
N ARG D 268 1.52 36.87 11.10
CA ARG D 268 0.64 37.38 12.15
C ARG D 268 0.27 38.83 11.89
N ALA D 269 1.19 39.58 11.29
CA ALA D 269 0.90 40.92 10.83
C ALA D 269 -0.26 40.87 9.84
N ALA D 270 -0.11 40.02 8.83
CA ALA D 270 -1.12 39.85 7.79
C ALA D 270 -2.47 39.36 8.32
N ARG D 271 -2.44 38.47 9.32
CA ARG D 271 -3.67 37.94 9.89
C ARG D 271 -4.37 38.99 10.78
N GLU D 272 -3.59 39.65 11.64
CA GLU D 272 -4.13 40.78 12.41
C GLU D 272 -4.70 41.82 11.45
N TRP D 273 -3.95 42.13 10.39
CA TRP D 273 -4.42 43.05 9.36
C TRP D 273 -5.76 42.60 8.84
N TYR D 274 -5.86 41.34 8.47
CA TYR D 274 -7.08 40.81 7.88
C TYR D 274 -8.22 40.88 8.90
N GLU D 275 -7.85 40.91 10.24
CA GLU D 275 -8.85 40.95 11.31
C GLU D 275 -9.36 42.38 11.60
N LEU D 276 -8.64 43.31 11.05
CA LEU D 276 -9.05 44.71 11.16
C LEU D 276 -10.40 44.97 10.49
N GLU D 277 -10.78 44.14 9.53
CA GLU D 277 -12.03 44.37 8.79
C GLU D 277 -12.94 43.15 8.75
N HIS D 278 -12.42 42.05 8.21
CA HIS D 278 -13.22 40.85 7.98
C HIS D 278 -13.49 40.03 9.27
N GLY D 279 -12.89 40.46 10.39
CA GLY D 279 -13.21 39.91 11.70
C GLY D 279 -12.71 38.49 11.97
N GLY D 280 -11.78 38.02 11.16
CA GLY D 280 -11.29 36.66 11.27
C GLY D 280 -12.28 35.65 10.76
N VAL D 281 -12.92 35.96 9.63
CA VAL D 281 -13.77 35.00 8.94
C VAL D 281 -12.89 33.98 8.20
N GLU D 282 -11.70 34.45 7.83
CA GLU D 282 -10.76 33.75 6.95
C GLU D 282 -11.30 33.70 5.53
N PRO D 283 -10.40 33.71 4.55
CA PRO D 283 -10.84 33.68 3.15
C PRO D 283 -11.30 32.30 2.69
N ARG D 284 -12.05 32.24 1.60
CA ARG D 284 -12.52 30.98 1.07
C ARG D 284 -11.90 30.79 -0.31
N LEU D 285 -11.60 29.55 -0.66
CA LEU D 285 -11.10 29.27 -1.98
C LEU D 285 -12.32 29.13 -2.89
N VAL D 286 -12.32 29.89 -3.99
CA VAL D 286 -13.39 29.81 -4.96
C VAL D 286 -12.80 29.83 -6.36
N GLU D 287 -13.47 29.19 -7.30
CA GLU D 287 -13.02 29.23 -8.70
C GLU D 287 -13.31 30.60 -9.29
N ARG D 288 -12.66 30.92 -10.39
CA ARG D 288 -12.92 32.18 -11.07
C ARG D 288 -14.05 32.06 -12.09
#